data_7M2K
#
_entry.id   7M2K
#
_cell.length_a   55.800
_cell.length_b   72.000
_cell.length_c   76.500
_cell.angle_alpha   70.140
_cell.angle_beta   79.120
_cell.angle_gamma   80.420
#
_symmetry.space_group_name_H-M   'P 1'
#
loop_
_entity.id
_entity.type
_entity.pdbx_description
1 polymer 'Ubiquitin-conjugating enzyme E2 R1'
2 polymer Ubiquitin
3 non-polymer "4-[(3',5'-dichloro[1,1'-biphenyl]-4-yl)methyl]-N-ethyl-1-(methoxyacetyl)piperidine-4-carboxamide"
4 water water
#
loop_
_entity_poly.entity_id
_entity_poly.type
_entity_poly.pdbx_seq_one_letter_code
_entity_poly.pdbx_strand_id
1 'polypeptide(L)'
;GSPSSQKALLLELKGLQEEPVEGFRVTLVDEGDLYNWEVAIFGPPNTYYEGGYFKARLKFPIDYPYSPPAFRFLTKMWHP
NIYETGDVCISILHPPVDDPQSGELPSERWNPTQNVRTILLSVISLLNEPNTFSPANVDASVMYRKWKESKGKDREYTDI
IRKQVLGTKVDAERDGVKVP
;
A,C,E,G
2 'polypeptide(L)' GAMGMQIFVKTLTGKTITLEVEPSDTIENVKAKIQDKEGIPPDQQRLIFAGKQLEDGRTLSDYNIQKESTLHLVLRLRGG B,D,F,H
#
# COMPACT_ATOMS: atom_id res chain seq x y z
N PRO A 3 21.05 25.98 -11.02
CA PRO A 3 20.23 25.25 -12.01
C PRO A 3 19.32 24.13 -11.49
N SER A 4 18.06 24.22 -11.92
CA SER A 4 17.06 23.25 -11.54
C SER A 4 17.26 21.95 -12.29
N SER A 5 17.95 21.98 -13.43
CA SER A 5 18.17 20.76 -14.18
C SER A 5 18.94 19.76 -13.35
N GLN A 6 19.98 20.22 -12.63
CA GLN A 6 20.78 19.32 -11.80
C GLN A 6 19.92 18.57 -10.79
N LYS A 7 19.09 19.30 -10.03
CA LYS A 7 18.23 18.66 -9.03
C LYS A 7 17.20 17.74 -9.69
N ALA A 8 16.64 18.15 -10.84
CA ALA A 8 15.67 17.32 -11.53
C ALA A 8 16.28 15.98 -11.95
N LEU A 9 17.53 15.99 -12.42
CA LEU A 9 18.18 14.77 -12.86
C LEU A 9 18.58 13.87 -11.69
N LEU A 10 19.00 14.44 -10.57
CA LEU A 10 19.27 13.62 -9.39
C LEU A 10 18.02 12.89 -8.90
N LEU A 11 16.88 13.60 -8.83
CA LEU A 11 15.64 12.96 -8.39
C LEU A 11 15.19 11.91 -9.39
N GLU A 12 15.43 12.16 -10.67
CA GLU A 12 14.98 11.21 -11.67
C GLU A 12 15.90 9.98 -11.73
N LEU A 13 17.19 10.17 -11.51
CA LEU A 13 18.07 9.03 -11.42
C LEU A 13 17.69 8.16 -10.23
N LYS A 14 17.47 8.80 -9.08
CA LYS A 14 17.12 8.07 -7.87
C LYS A 14 15.77 7.40 -8.02
N GLY A 15 14.84 8.07 -8.70
CA GLY A 15 13.52 7.48 -8.88
C GLY A 15 13.55 6.29 -9.80
N LEU A 16 14.39 6.33 -10.85
CA LEU A 16 14.50 5.23 -11.80
C LEU A 16 15.42 4.13 -11.30
N GLN A 17 16.20 4.38 -10.23
CA GLN A 17 17.01 3.32 -9.63
C GLN A 17 16.31 2.63 -8.47
N GLU A 18 15.34 3.31 -7.85
CA GLU A 18 14.49 2.70 -6.83
C GLU A 18 13.30 1.95 -7.43
N GLU A 19 12.79 2.42 -8.57
CA GLU A 19 11.71 1.76 -9.30
C GLU A 19 12.16 1.63 -10.76
N PRO A 20 13.05 0.67 -11.05
CA PRO A 20 13.59 0.57 -12.41
C PRO A 20 12.50 0.28 -13.44
N VAL A 21 12.64 0.89 -14.61
CA VAL A 21 11.90 0.43 -15.77
C VAL A 21 12.41 -0.96 -16.15
N GLU A 22 11.50 -1.92 -16.26
CA GLU A 22 11.88 -3.30 -16.39
C GLU A 22 12.69 -3.50 -17.66
N GLY A 23 13.85 -4.13 -17.53
CA GLY A 23 14.73 -4.32 -18.66
C GLY A 23 15.70 -3.17 -18.91
N PHE A 24 15.75 -2.19 -18.00
CA PHE A 24 16.59 -1.01 -18.13
C PHE A 24 17.37 -0.79 -16.85
N ARG A 25 18.63 -0.44 -17.00
CA ARG A 25 19.51 -0.16 -15.88
C ARG A 25 20.24 1.14 -16.20
N VAL A 26 20.04 2.15 -15.35
CA VAL A 26 20.50 3.51 -15.60
C VAL A 26 21.57 3.83 -14.58
N THR A 27 22.63 4.48 -15.02
CA THR A 27 23.75 4.87 -14.17
C THR A 27 24.33 6.14 -14.76
N LEU A 28 25.38 6.64 -14.13
CA LEU A 28 26.10 7.81 -14.62
C LEU A 28 27.37 7.38 -15.35
N VAL A 29 27.63 8.03 -16.49
CA VAL A 29 28.88 7.81 -17.21
C VAL A 29 30.07 8.10 -16.32
N ASP A 30 30.07 9.28 -15.69
CA ASP A 30 31.03 9.63 -14.67
C ASP A 30 30.27 10.21 -13.49
N GLU A 31 30.60 9.74 -12.28
CA GLU A 31 29.93 10.22 -11.08
C GLU A 31 30.22 11.70 -10.86
N GLY A 32 29.18 12.48 -10.64
CA GLY A 32 29.29 13.91 -10.52
C GLY A 32 28.74 14.68 -11.70
N ASP A 33 28.54 14.03 -12.84
CA ASP A 33 27.93 14.63 -14.03
C ASP A 33 26.55 14.03 -14.19
N LEU A 34 25.52 14.80 -13.83
CA LEU A 34 24.14 14.34 -13.90
C LEU A 34 23.51 14.56 -15.26
N TYR A 35 24.28 15.12 -16.21
CA TYR A 35 23.78 15.45 -17.53
C TYR A 35 24.16 14.43 -18.58
N ASN A 36 24.63 13.24 -18.16
CA ASN A 36 25.22 12.24 -19.07
C ASN A 36 25.03 10.86 -18.46
N TRP A 37 24.08 10.09 -18.98
CA TRP A 37 23.65 8.86 -18.34
C TRP A 37 24.06 7.67 -19.19
N GLU A 38 24.42 6.56 -18.53
CA GLU A 38 24.65 5.28 -19.19
C GLU A 38 23.38 4.45 -19.03
N VAL A 39 22.87 3.94 -20.14
CA VAL A 39 21.67 3.12 -20.15
C VAL A 39 22.02 1.73 -20.68
N ALA A 40 21.87 0.72 -19.84
CA ALA A 40 22.06 -0.68 -20.20
C ALA A 40 20.69 -1.35 -20.34
N ILE A 41 20.31 -1.66 -21.57
CA ILE A 41 19.04 -2.29 -21.88
C ILE A 41 19.25 -3.79 -22.05
N PHE A 42 18.23 -4.58 -21.68
CA PHE A 42 18.30 -6.03 -21.78
C PHE A 42 17.10 -6.56 -22.57
N GLY A 43 17.39 -7.37 -23.60
CA GLY A 43 16.34 -7.90 -24.45
C GLY A 43 15.49 -8.88 -23.68
N PRO A 44 14.17 -8.75 -23.79
CA PRO A 44 13.26 -9.58 -22.98
C PRO A 44 13.06 -10.95 -23.60
N PRO A 45 12.65 -11.93 -22.80
CA PRO A 45 12.32 -13.25 -23.36
C PRO A 45 11.19 -13.17 -24.37
N ASN A 46 11.14 -14.21 -25.22
CA ASN A 46 10.13 -14.35 -26.25
C ASN A 46 10.17 -13.20 -27.25
N THR A 47 11.38 -12.73 -27.55
CA THR A 47 11.63 -11.70 -28.56
C THR A 47 12.84 -12.11 -29.38
N TYR A 48 13.00 -11.47 -30.55
CA TYR A 48 14.20 -11.70 -31.34
C TYR A 48 15.42 -11.04 -30.71
N TYR A 49 15.20 -10.17 -29.73
CA TYR A 49 16.28 -9.55 -28.97
C TYR A 49 16.62 -10.31 -27.68
N GLU A 50 16.01 -11.46 -27.46
CA GLU A 50 16.25 -12.19 -26.22
C GLU A 50 17.73 -12.48 -26.02
N GLY A 51 18.18 -12.32 -24.78
CA GLY A 51 19.57 -12.57 -24.45
C GLY A 51 20.50 -11.40 -24.73
N GLY A 52 20.01 -10.33 -25.34
CA GLY A 52 20.87 -9.24 -25.71
C GLY A 52 21.27 -8.36 -24.54
N TYR A 53 22.37 -7.63 -24.75
CA TYR A 53 22.88 -6.67 -23.77
C TYR A 53 23.26 -5.46 -24.61
N PHE A 54 22.33 -4.52 -24.70
CA PHE A 54 22.53 -3.33 -25.51
C PHE A 54 22.88 -2.15 -24.61
N LYS A 55 23.74 -1.27 -25.11
CA LYS A 55 24.21 -0.12 -24.36
C LYS A 55 23.89 1.18 -25.08
N ALA A 56 23.50 2.19 -24.32
CA ALA A 56 23.15 3.48 -24.90
C ALA A 56 23.56 4.56 -23.90
N ARG A 57 23.35 5.81 -24.27
CA ARG A 57 23.73 6.94 -23.44
C ARG A 57 22.70 8.04 -23.64
N LEU A 58 22.42 8.78 -22.56
CA LEU A 58 21.51 9.92 -22.58
C LEU A 58 22.28 11.21 -22.34
N LYS A 59 22.01 12.22 -23.17
CA LYS A 59 22.61 13.56 -23.02
C LYS A 59 21.53 14.56 -22.61
N PHE A 60 21.65 15.11 -21.38
CA PHE A 60 20.62 16.05 -21.00
C PHE A 60 21.11 17.49 -21.13
N PRO A 61 20.27 18.38 -21.63
CA PRO A 61 20.66 19.81 -21.71
C PRO A 61 20.57 20.49 -20.35
N ILE A 62 21.17 21.68 -20.26
CA ILE A 62 21.01 22.48 -19.04
C ILE A 62 19.59 23.05 -18.92
N ASP A 63 18.79 23.04 -20.00
CA ASP A 63 17.40 23.48 -19.92
C ASP A 63 16.50 22.46 -19.23
N TYR A 64 16.97 21.23 -19.02
CA TYR A 64 16.10 20.12 -18.66
C TYR A 64 15.22 20.49 -17.46
N PRO A 65 13.92 20.18 -17.48
CA PRO A 65 13.26 19.37 -18.53
C PRO A 65 12.58 20.19 -19.65
N TYR A 66 12.99 21.45 -19.85
CA TYR A 66 12.37 22.30 -20.86
C TYR A 66 12.90 22.06 -22.26
N SER A 67 13.90 21.20 -22.41
CA SER A 67 14.39 20.77 -23.71
C SER A 67 14.63 19.28 -23.66
N PRO A 68 14.42 18.56 -24.76
CA PRO A 68 14.52 17.12 -24.72
C PRO A 68 16.01 16.69 -24.62
N PRO A 69 16.26 15.56 -24.00
CA PRO A 69 17.62 15.00 -24.07
C PRO A 69 17.88 14.26 -25.39
N ALA A 70 19.06 13.65 -25.52
CA ALA A 70 19.43 12.91 -26.72
C ALA A 70 19.78 11.47 -26.34
N PHE A 71 19.21 10.52 -27.08
CA PHE A 71 19.38 9.08 -26.86
C PHE A 71 20.22 8.52 -28.00
N ARG A 72 21.32 7.85 -27.65
CA ARG A 72 22.30 7.37 -28.65
C ARG A 72 22.81 5.99 -28.25
N PHE A 73 22.49 4.97 -29.06
CA PHE A 73 23.03 3.63 -28.81
C PHE A 73 24.53 3.57 -29.09
N LEU A 74 25.27 2.90 -28.19
CA LEU A 74 26.66 2.56 -28.50
C LEU A 74 26.73 1.26 -29.30
N THR A 75 25.90 0.30 -28.94
CA THR A 75 25.76 -0.91 -29.72
C THR A 75 25.19 -0.58 -31.10
N LYS A 76 25.74 -1.22 -32.12
CA LYS A 76 25.13 -1.14 -33.45
C LYS A 76 23.74 -1.77 -33.42
N MET A 77 22.78 -1.06 -33.97
CA MET A 77 21.41 -1.54 -34.03
C MET A 77 20.90 -1.42 -35.47
N TRP A 78 20.25 -2.48 -35.96
CA TRP A 78 19.54 -2.43 -37.23
C TRP A 78 18.06 -2.24 -36.89
N HIS A 79 17.56 -1.03 -37.16
CA HIS A 79 16.19 -0.64 -36.82
C HIS A 79 15.76 0.52 -37.73
N PRO A 80 14.49 0.56 -38.12
CA PRO A 80 14.08 1.62 -39.06
C PRO A 80 14.19 3.01 -38.50
N ASN A 81 14.28 3.18 -37.17
CA ASN A 81 14.29 4.51 -36.55
C ASN A 81 15.59 4.80 -35.82
N ILE A 82 16.69 4.13 -36.17
CA ILE A 82 17.98 4.33 -35.55
C ILE A 82 18.99 4.63 -36.64
N TYR A 83 19.62 5.79 -36.58
CA TYR A 83 20.59 6.19 -37.58
C TYR A 83 21.84 5.32 -37.50
N GLU A 84 22.71 5.49 -38.48
CA GLU A 84 23.98 4.78 -38.44
C GLU A 84 24.83 5.24 -37.26
N THR A 85 24.67 6.49 -36.85
CA THR A 85 25.41 6.99 -35.69
C THR A 85 25.01 6.29 -34.40
N GLY A 86 23.86 5.63 -34.34
CA GLY A 86 23.27 5.19 -33.08
C GLY A 86 22.14 6.08 -32.56
N ASP A 87 22.07 7.34 -33.02
CA ASP A 87 21.03 8.24 -32.61
C ASP A 87 19.65 7.68 -32.94
N VAL A 88 18.71 7.79 -31.99
CA VAL A 88 17.34 7.32 -32.18
C VAL A 88 16.45 8.52 -32.48
N CYS A 89 15.70 8.45 -33.58
CA CYS A 89 14.74 9.50 -33.91
C CYS A 89 13.40 9.10 -33.32
N ILE A 90 13.11 9.59 -32.12
CA ILE A 90 11.82 9.42 -31.49
C ILE A 90 11.16 10.77 -31.47
N SER A 91 9.82 10.76 -31.62
CA SER A 91 9.06 12.01 -31.66
C SER A 91 9.30 12.82 -30.40
N ILE A 92 9.31 12.14 -29.25
CA ILE A 92 9.44 12.81 -27.97
C ILE A 92 10.80 13.50 -27.82
N LEU A 93 11.86 12.95 -28.38
CA LEU A 93 13.17 13.58 -28.27
C LEU A 93 13.34 14.77 -29.21
N HIS A 94 12.40 14.98 -30.11
CA HIS A 94 12.51 16.11 -31.03
C HIS A 94 12.13 17.39 -30.32
N PRO A 95 12.92 18.46 -30.45
CA PRO A 95 12.55 19.74 -29.83
C PRO A 95 11.33 20.33 -30.50
N PRO A 96 10.44 21.01 -29.74
CA PRO A 96 9.29 21.66 -30.37
C PRO A 96 9.51 23.14 -30.64
N PRO A 106 0.67 14.29 -29.39
CA PRO A 106 0.70 15.18 -28.22
C PRO A 106 1.53 14.58 -27.09
N SER A 107 1.14 13.39 -26.62
CA SER A 107 1.97 12.68 -25.66
C SER A 107 3.25 12.15 -26.29
N GLU A 108 3.37 12.21 -27.62
CA GLU A 108 4.57 11.81 -28.34
C GLU A 108 5.52 12.96 -28.63
N ARG A 109 5.14 14.21 -28.33
CA ARG A 109 6.03 15.35 -28.50
C ARG A 109 6.56 15.78 -27.13
N TRP A 110 7.71 16.45 -27.15
CA TRP A 110 8.38 16.83 -25.91
C TRP A 110 7.68 18.02 -25.25
N ASN A 111 7.45 17.92 -23.94
CA ASN A 111 6.94 18.97 -23.07
C ASN A 111 7.77 18.98 -21.80
N PRO A 112 7.66 20.01 -20.95
CA PRO A 112 8.29 19.94 -19.62
C PRO A 112 7.67 18.89 -18.70
N THR A 113 6.48 18.36 -19.02
CA THR A 113 5.90 17.31 -18.19
C THR A 113 6.51 15.93 -18.41
N GLN A 114 7.23 15.74 -19.53
CA GLN A 114 7.80 14.44 -19.84
C GLN A 114 9.06 14.21 -19.01
N ASN A 115 9.33 12.95 -18.69
CA ASN A 115 10.46 12.58 -17.87
C ASN A 115 11.23 11.44 -18.55
N VAL A 116 12.31 10.99 -17.92
CA VAL A 116 13.10 9.91 -18.52
C VAL A 116 12.33 8.61 -18.55
N ARG A 117 11.47 8.36 -17.53
CA ARG A 117 10.63 7.18 -17.54
C ARG A 117 9.66 7.20 -18.72
N THR A 118 9.23 8.39 -19.11
CA THR A 118 8.39 8.50 -20.31
C THR A 118 9.22 8.21 -21.56
N ILE A 119 10.43 8.73 -21.61
CA ILE A 119 11.29 8.49 -22.76
C ILE A 119 11.57 7.00 -22.89
N LEU A 120 12.02 6.40 -21.79
CA LEU A 120 12.45 5.01 -21.84
C LEU A 120 11.30 4.09 -22.25
N LEU A 121 10.10 4.33 -21.73
CA LEU A 121 8.93 3.54 -22.13
C LEU A 121 8.58 3.79 -23.59
N SER A 122 8.80 5.01 -24.06
CA SER A 122 8.56 5.27 -25.47
C SER A 122 9.55 4.54 -26.34
N VAL A 123 10.78 4.36 -25.87
CA VAL A 123 11.78 3.59 -26.62
C VAL A 123 11.39 2.12 -26.65
N ILE A 124 10.84 1.60 -25.55
CA ILE A 124 10.37 0.22 -25.54
C ILE A 124 9.28 0.03 -26.60
N SER A 125 8.36 0.98 -26.69
CA SER A 125 7.29 0.88 -27.67
C SER A 125 7.86 0.95 -29.07
N LEU A 126 8.88 1.79 -29.25
CA LEU A 126 9.42 2.01 -30.58
C LEU A 126 10.25 0.81 -31.04
N LEU A 127 10.91 0.14 -30.11
CA LEU A 127 11.56 -1.12 -30.44
C LEU A 127 10.54 -2.19 -30.77
N ASN A 128 9.41 -2.20 -30.05
CA ASN A 128 8.31 -3.13 -30.35
C ASN A 128 7.72 -2.85 -31.72
N GLU A 129 7.38 -1.60 -32.01
CA GLU A 129 6.66 -1.25 -33.24
C GLU A 129 7.40 -0.10 -33.89
N PRO A 130 8.24 -0.36 -34.89
CA PRO A 130 8.92 0.73 -35.58
C PRO A 130 7.93 1.71 -36.20
N ASN A 131 8.36 2.96 -36.29
CA ASN A 131 7.59 4.01 -36.99
C ASN A 131 8.06 4.04 -38.44
N THR A 132 7.40 3.25 -39.27
CA THR A 132 7.74 3.15 -40.68
C THR A 132 7.38 4.40 -41.46
N PHE A 133 6.85 5.43 -40.80
CA PHE A 133 6.45 6.65 -41.48
C PHE A 133 7.59 7.67 -41.56
N SER A 134 8.52 7.63 -40.61
CA SER A 134 9.65 8.55 -40.56
C SER A 134 10.93 7.75 -40.36
N PRO A 135 11.35 7.01 -41.39
CA PRO A 135 12.47 6.07 -41.21
C PRO A 135 13.81 6.79 -41.21
N ALA A 136 14.61 6.53 -40.17
CA ALA A 136 15.98 7.03 -40.14
C ALA A 136 16.90 6.13 -40.96
N ASN A 137 16.70 4.83 -40.81
CA ASN A 137 17.32 3.82 -41.65
C ASN A 137 16.26 3.37 -42.66
N VAL A 138 16.28 3.96 -43.87
CA VAL A 138 15.34 3.54 -44.90
C VAL A 138 15.55 2.08 -45.27
N ASP A 139 16.80 1.65 -45.43
CA ASP A 139 17.05 0.26 -45.79
C ASP A 139 16.49 -0.69 -44.74
N ALA A 140 16.49 -0.29 -43.46
CA ALA A 140 15.95 -1.17 -42.44
C ALA A 140 14.43 -1.08 -42.40
N SER A 141 13.88 0.08 -42.76
CA SER A 141 12.42 0.21 -42.77
C SER A 141 11.84 -0.59 -43.92
N VAL A 142 12.48 -0.51 -45.09
CA VAL A 142 12.06 -1.27 -46.25
C VAL A 142 12.34 -2.74 -46.02
N MET A 143 13.32 -3.10 -45.18
CA MET A 143 13.54 -4.50 -44.84
C MET A 143 12.56 -5.00 -43.79
N TYR A 144 12.19 -4.13 -42.83
CA TYR A 144 11.21 -4.48 -41.79
C TYR A 144 9.83 -4.74 -42.40
N ARG A 145 9.43 -3.95 -43.41
CA ARG A 145 8.08 -4.07 -43.97
C ARG A 145 7.89 -5.37 -44.75
N LYS A 146 8.92 -5.85 -45.46
CA LYS A 146 8.83 -7.14 -46.16
C LYS A 146 8.81 -8.30 -45.17
N TRP A 147 9.41 -8.11 -43.99
CA TRP A 147 9.26 -9.10 -42.92
C TRP A 147 7.81 -9.17 -42.43
N LYS A 148 7.20 -8.01 -42.17
CA LYS A 148 5.85 -8.00 -41.60
C LYS A 148 4.79 -8.38 -42.63
N GLU A 149 5.04 -8.06 -43.91
CA GLU A 149 4.10 -8.43 -44.95
C GLU A 149 4.21 -9.90 -45.33
N SER A 150 5.40 -10.49 -45.19
CA SER A 150 5.55 -11.92 -45.36
C SER A 150 5.05 -12.71 -44.16
N LYS A 151 4.58 -12.01 -43.13
CA LYS A 151 4.09 -12.61 -41.89
C LYS A 151 5.18 -13.43 -41.19
N GLY A 152 6.43 -12.95 -41.27
CA GLY A 152 7.56 -13.58 -40.64
C GLY A 152 8.36 -14.50 -41.53
N LYS A 153 7.88 -14.81 -42.74
CA LYS A 153 8.57 -15.76 -43.62
C LYS A 153 9.96 -15.25 -44.00
N ASP A 154 10.02 -14.07 -44.62
CA ASP A 154 11.30 -13.46 -44.95
C ASP A 154 12.09 -13.21 -43.67
N ARG A 155 13.28 -13.80 -43.59
CA ARG A 155 14.08 -13.77 -42.38
C ARG A 155 15.30 -12.86 -42.50
N GLU A 156 15.38 -12.02 -43.53
CA GLU A 156 16.52 -11.13 -43.63
C GLU A 156 16.61 -10.20 -42.43
N TYR A 157 15.52 -9.51 -42.09
CA TYR A 157 15.54 -8.58 -40.96
C TYR A 157 15.85 -9.30 -39.65
N THR A 158 15.15 -10.39 -39.36
CA THR A 158 15.38 -11.09 -38.10
C THR A 158 16.76 -11.75 -38.05
N ASP A 159 17.39 -11.99 -39.20
CA ASP A 159 18.76 -12.50 -39.19
C ASP A 159 19.74 -11.42 -38.79
N ILE A 160 19.61 -10.22 -39.37
CA ILE A 160 20.48 -9.13 -38.94
C ILE A 160 20.32 -8.88 -37.44
N ILE A 161 19.07 -8.80 -36.95
CA ILE A 161 18.77 -8.55 -35.53
C ILE A 161 19.42 -9.62 -34.64
N ARG A 162 19.26 -10.89 -35.04
CA ARG A 162 19.80 -11.97 -34.23
C ARG A 162 21.32 -12.03 -34.28
N LYS A 163 21.93 -11.61 -35.40
CA LYS A 163 23.38 -11.53 -35.44
C LYS A 163 23.88 -10.51 -34.43
N GLN A 164 23.30 -9.31 -34.47
CA GLN A 164 23.71 -8.29 -33.52
C GLN A 164 23.42 -8.72 -32.08
N VAL A 165 22.27 -9.37 -31.85
CA VAL A 165 21.97 -9.84 -30.49
C VAL A 165 23.00 -10.85 -30.05
N LEU A 166 23.44 -11.73 -30.96
CA LEU A 166 24.45 -12.72 -30.59
C LEU A 166 25.76 -12.06 -30.24
N GLY A 167 26.12 -10.98 -30.94
CA GLY A 167 27.41 -10.36 -30.65
C GLY A 167 27.46 -9.61 -29.34
N THR A 168 26.30 -9.21 -28.79
CA THR A 168 26.34 -8.48 -27.52
C THR A 168 26.84 -9.35 -26.38
N LYS A 169 26.95 -10.66 -26.58
CA LYS A 169 27.50 -11.53 -25.53
C LYS A 169 28.96 -11.20 -25.28
N VAL A 170 29.68 -10.77 -26.32
CA VAL A 170 31.06 -10.33 -26.11
C VAL A 170 31.08 -9.04 -25.32
N ASP A 171 30.16 -8.13 -25.63
CA ASP A 171 30.05 -6.88 -24.89
C ASP A 171 29.73 -7.15 -23.44
N ALA A 172 28.82 -8.09 -23.17
CA ALA A 172 28.44 -8.37 -21.78
C ALA A 172 29.63 -8.89 -20.97
N GLU A 173 30.44 -9.78 -21.55
CA GLU A 173 31.60 -10.32 -20.83
C GLU A 173 32.60 -9.23 -20.49
N ARG A 174 32.89 -8.34 -21.44
CA ARG A 174 33.84 -7.27 -21.19
C ARG A 174 33.39 -6.38 -20.03
N ASP A 175 32.09 -6.03 -19.99
CA ASP A 175 31.55 -5.17 -18.93
C ASP A 175 31.21 -5.94 -17.66
N GLY A 176 31.39 -7.26 -17.65
CA GLY A 176 31.13 -8.06 -16.47
C GLY A 176 29.68 -8.17 -16.09
N VAL A 177 28.79 -8.35 -17.07
CA VAL A 177 27.35 -8.32 -16.85
C VAL A 177 26.81 -9.72 -17.09
N LYS A 178 26.09 -10.25 -16.09
CA LYS A 178 25.40 -11.53 -16.22
C LYS A 178 24.01 -11.26 -16.78
N VAL A 179 23.79 -11.70 -18.01
CA VAL A 179 22.51 -11.50 -18.71
C VAL A 179 21.43 -12.24 -17.93
N PRO A 180 20.36 -11.54 -17.48
CA PRO A 180 19.35 -12.18 -16.61
C PRO A 180 18.38 -13.04 -17.42
N GLY B 4 -12.02 -14.42 -12.61
CA GLY B 4 -11.97 -13.03 -12.18
C GLY B 4 -10.67 -12.68 -11.50
N MET B 5 -10.05 -11.58 -11.95
CA MET B 5 -8.82 -11.08 -11.35
C MET B 5 -8.90 -9.58 -11.12
N GLN B 6 -7.79 -8.96 -10.72
CA GLN B 6 -7.71 -7.50 -10.62
C GLN B 6 -6.31 -7.08 -11.02
N ILE B 7 -6.19 -6.48 -12.20
CA ILE B 7 -4.92 -6.03 -12.73
C ILE B 7 -4.84 -4.52 -12.62
N PHE B 8 -3.66 -3.97 -12.88
CA PHE B 8 -3.46 -2.53 -12.83
C PHE B 8 -2.88 -2.04 -14.16
N VAL B 9 -3.11 -0.76 -14.44
CA VAL B 9 -2.59 -0.14 -15.66
C VAL B 9 -2.01 1.21 -15.28
N LYS B 10 -0.69 1.31 -15.16
CA LYS B 10 -0.04 2.58 -14.94
C LYS B 10 0.01 3.37 -16.24
N THR B 11 -0.04 4.69 -16.12
CA THR B 11 0.02 5.59 -17.25
C THR B 11 1.26 6.47 -17.14
N LEU B 12 1.48 7.27 -18.19
CA LEU B 12 2.68 8.08 -18.26
C LEU B 12 2.64 9.28 -17.31
N THR B 13 1.45 9.77 -17.00
CA THR B 13 1.32 10.87 -16.06
C THR B 13 1.49 10.43 -14.61
N GLY B 14 1.29 9.14 -14.32
CA GLY B 14 1.57 8.62 -12.99
C GLY B 14 0.41 7.86 -12.37
N LYS B 15 -0.79 8.05 -12.90
CA LYS B 15 -1.98 7.44 -12.32
C LYS B 15 -1.96 5.94 -12.54
N THR B 16 -2.50 5.20 -11.57
CA THR B 16 -2.67 3.76 -11.67
C THR B 16 -4.16 3.48 -11.88
N ILE B 17 -4.47 2.65 -12.88
CA ILE B 17 -5.84 2.35 -13.24
C ILE B 17 -6.07 0.88 -12.97
N THR B 18 -6.77 0.57 -11.88
CA THR B 18 -7.14 -0.80 -11.56
C THR B 18 -8.39 -1.19 -12.34
N LEU B 19 -8.35 -2.33 -13.01
CA LEU B 19 -9.45 -2.81 -13.82
C LEU B 19 -9.77 -4.27 -13.47
N GLU B 20 -11.05 -4.63 -13.59
CA GLU B 20 -11.54 -5.95 -13.20
C GLU B 20 -11.69 -6.80 -14.46
N VAL B 21 -10.86 -7.82 -14.60
CA VAL B 21 -10.77 -8.59 -15.84
C VAL B 21 -10.80 -10.09 -15.52
N GLU B 22 -10.92 -10.90 -16.57
CA GLU B 22 -10.79 -12.34 -16.50
C GLU B 22 -9.51 -12.77 -17.18
N PRO B 23 -8.92 -13.90 -16.80
CA PRO B 23 -7.65 -14.32 -17.43
C PRO B 23 -7.75 -14.50 -18.95
N SER B 24 -8.94 -14.73 -19.47
CA SER B 24 -9.14 -14.93 -20.91
C SER B 24 -9.59 -13.67 -21.65
N ASP B 25 -9.72 -12.54 -20.95
CA ASP B 25 -10.12 -11.30 -21.64
C ASP B 25 -9.12 -11.01 -22.74
N THR B 26 -9.63 -10.76 -23.94
CA THR B 26 -8.77 -10.32 -25.02
C THR B 26 -8.22 -8.93 -24.72
N ILE B 27 -7.01 -8.66 -25.24
CA ILE B 27 -6.39 -7.35 -25.03
C ILE B 27 -7.25 -6.24 -25.61
N GLU B 28 -7.97 -6.56 -26.70
CA GLU B 28 -8.86 -5.59 -27.34
C GLU B 28 -9.99 -5.19 -26.41
N ASN B 29 -10.39 -6.07 -25.49
CA ASN B 29 -11.41 -5.70 -24.52
C ASN B 29 -10.82 -4.99 -23.32
N VAL B 30 -9.57 -5.26 -22.99
CA VAL B 30 -8.91 -4.57 -21.88
C VAL B 30 -8.81 -3.07 -22.16
N LYS B 31 -8.58 -2.71 -23.42
CA LYS B 31 -8.56 -1.32 -23.84
C LYS B 31 -9.92 -0.74 -24.12
N ALA B 32 -10.95 -1.59 -24.26
CA ALA B 32 -12.31 -1.06 -24.27
C ALA B 32 -12.66 -0.49 -22.90
N LYS B 33 -12.19 -1.14 -21.84
CA LYS B 33 -12.40 -0.64 -20.48
C LYS B 33 -11.58 0.60 -20.18
N ILE B 34 -10.54 0.86 -20.97
CA ILE B 34 -9.72 2.05 -20.78
C ILE B 34 -10.27 3.26 -21.52
N GLN B 35 -11.00 3.04 -22.63
CA GLN B 35 -11.82 4.13 -23.18
C GLN B 35 -13.00 4.45 -22.26
N ASP B 36 -13.49 3.45 -21.53
CA ASP B 36 -14.54 3.68 -20.54
C ASP B 36 -14.10 4.69 -19.49
N LYS B 37 -12.86 4.56 -19.01
CA LYS B 37 -12.39 5.32 -17.86
C LYS B 37 -11.62 6.58 -18.23
N GLU B 38 -10.98 6.61 -19.38
CA GLU B 38 -10.14 7.74 -19.74
C GLU B 38 -10.49 8.38 -21.08
N GLY B 39 -11.38 7.77 -21.87
CA GLY B 39 -11.79 8.33 -23.14
C GLY B 39 -10.76 8.31 -24.26
N ILE B 40 -9.61 7.67 -24.06
CA ILE B 40 -8.59 7.59 -25.11
C ILE B 40 -9.00 6.49 -26.10
N PRO B 41 -8.99 6.76 -27.40
CA PRO B 41 -9.43 5.74 -28.39
C PRO B 41 -8.58 4.47 -28.31
N PRO B 42 -9.22 3.30 -28.37
CA PRO B 42 -8.48 2.03 -28.27
C PRO B 42 -7.48 1.81 -29.39
N ASP B 43 -7.66 2.43 -30.56
CA ASP B 43 -6.69 2.27 -31.65
C ASP B 43 -5.37 2.96 -31.36
N GLN B 44 -5.33 3.91 -30.42
CA GLN B 44 -4.12 4.65 -30.09
C GLN B 44 -3.39 4.10 -28.87
N GLN B 45 -3.97 3.12 -28.18
CA GLN B 45 -3.40 2.61 -26.95
C GLN B 45 -2.34 1.55 -27.20
N ARG B 46 -1.36 1.51 -26.31
CA ARG B 46 -0.32 0.49 -26.34
C ARG B 46 -0.05 0.07 -24.91
N LEU B 47 -0.42 -1.17 -24.57
CA LEU B 47 -0.08 -1.76 -23.28
C LEU B 47 1.25 -2.48 -23.36
N ILE B 48 2.08 -2.33 -22.32
CA ILE B 48 3.38 -2.98 -22.26
C ILE B 48 3.47 -3.81 -20.99
N PHE B 49 3.87 -5.06 -21.16
CA PHE B 49 4.07 -5.98 -20.06
C PHE B 49 5.33 -6.78 -20.38
N ALA B 50 6.31 -6.69 -19.48
CA ALA B 50 7.59 -7.36 -19.65
C ALA B 50 8.26 -6.93 -20.96
N GLY B 51 8.30 -5.61 -21.18
CA GLY B 51 8.97 -5.05 -22.36
C GLY B 51 8.37 -5.41 -23.72
N LYS B 52 7.18 -6.02 -23.75
CA LYS B 52 6.52 -6.42 -24.98
C LYS B 52 5.18 -5.70 -25.07
N GLN B 53 4.90 -5.11 -26.25
CA GLN B 53 3.61 -4.49 -26.51
C GLN B 53 2.59 -5.57 -26.74
N LEU B 54 1.60 -5.67 -25.84
CA LEU B 54 0.59 -6.71 -25.95
C LEU B 54 -0.30 -6.42 -27.14
N GLU B 55 -0.41 -7.39 -28.04
CA GLU B 55 -1.15 -7.19 -29.29
C GLU B 55 -2.61 -7.55 -29.12
N ASP B 56 -3.48 -6.80 -29.81
CA ASP B 56 -4.86 -7.22 -29.68
C ASP B 56 -5.12 -8.43 -30.58
N GLY B 57 -6.18 -9.17 -30.24
CA GLY B 57 -6.39 -10.49 -30.79
C GLY B 57 -5.76 -11.61 -29.98
N ARG B 58 -5.26 -11.33 -28.78
CA ARG B 58 -4.71 -12.32 -27.88
C ARG B 58 -5.29 -12.10 -26.48
N THR B 59 -5.19 -13.12 -25.65
CA THR B 59 -5.75 -13.07 -24.30
C THR B 59 -4.71 -12.57 -23.29
N LEU B 60 -5.19 -12.26 -22.09
CA LEU B 60 -4.28 -11.99 -20.98
C LEU B 60 -3.47 -13.23 -20.62
N SER B 61 -4.07 -14.42 -20.73
CA SER B 61 -3.37 -15.66 -20.44
C SER B 61 -2.34 -16.01 -21.50
N ASP B 62 -2.41 -15.41 -22.69
CA ASP B 62 -1.39 -15.67 -23.69
C ASP B 62 -0.05 -15.07 -23.30
N TYR B 63 -0.06 -13.96 -22.56
CA TYR B 63 1.15 -13.34 -22.05
C TYR B 63 1.35 -13.61 -20.56
N ASN B 64 0.51 -14.46 -19.95
CA ASN B 64 0.65 -14.87 -18.55
C ASN B 64 0.59 -13.68 -17.59
N ILE B 65 -0.43 -12.84 -17.74
CA ILE B 65 -0.64 -11.71 -16.84
C ILE B 65 -1.49 -12.19 -15.67
N GLN B 66 -0.94 -12.14 -14.47
CA GLN B 66 -1.58 -12.69 -13.29
C GLN B 66 -2.36 -11.62 -12.55
N LYS B 67 -2.88 -11.97 -11.37
CA LYS B 67 -3.57 -11.00 -10.54
C LYS B 67 -2.57 -9.96 -10.01
N GLU B 68 -3.08 -8.74 -9.81
CA GLU B 68 -2.32 -7.62 -9.24
C GLU B 68 -1.10 -7.27 -10.11
N SER B 69 -1.21 -7.50 -11.42
CA SER B 69 -0.15 -7.13 -12.34
C SER B 69 -0.30 -5.66 -12.74
N THR B 70 0.82 -5.06 -13.12
CA THR B 70 0.84 -3.68 -13.59
C THR B 70 1.25 -3.65 -15.06
N LEU B 71 0.41 -3.07 -15.89
CA LEU B 71 0.74 -2.78 -17.27
C LEU B 71 1.03 -1.28 -17.41
N HIS B 72 1.69 -0.92 -18.51
CA HIS B 72 2.15 0.43 -18.75
C HIS B 72 1.57 0.90 -20.07
N LEU B 73 0.69 1.90 -20.04
CA LEU B 73 0.05 2.40 -21.25
C LEU B 73 0.91 3.48 -21.91
N VAL B 74 1.12 3.35 -23.22
CA VAL B 74 1.74 4.39 -24.02
C VAL B 74 0.84 4.62 -25.21
N LEU B 75 0.91 5.81 -25.80
CA LEU B 75 -0.03 6.21 -26.84
C LEU B 75 0.71 6.39 -28.14
N ARG B 76 0.09 5.92 -29.23
CA ARG B 76 0.66 5.99 -30.58
C ARG B 76 -0.47 6.40 -31.51
N LEU B 77 -0.36 7.59 -32.09
CA LEU B 77 -1.39 8.11 -32.99
C LEU B 77 -1.72 7.11 -34.09
N ARG B 78 -0.73 6.80 -34.94
CA ARG B 78 -0.87 5.88 -36.07
C ARG B 78 -2.18 6.09 -36.84
N PRO C 3 41.14 -24.99 12.96
CA PRO C 3 40.62 -26.34 12.78
C PRO C 3 39.85 -26.54 11.47
N SER C 4 39.55 -27.81 11.16
CA SER C 4 38.88 -28.13 9.91
C SER C 4 37.46 -27.58 9.87
N SER C 5 36.74 -27.65 10.99
CA SER C 5 35.35 -27.19 11.02
C SER C 5 35.24 -25.72 10.63
N GLN C 6 36.14 -24.86 11.14
CA GLN C 6 36.17 -23.46 10.75
C GLN C 6 36.32 -23.31 9.23
N LYS C 7 37.26 -24.04 8.64
CA LYS C 7 37.47 -23.98 7.20
C LYS C 7 36.23 -24.43 6.45
N ALA C 8 35.62 -25.53 6.89
CA ALA C 8 34.42 -26.03 6.22
C ALA C 8 33.28 -25.04 6.30
N LEU C 9 33.06 -24.47 7.49
CA LEU C 9 31.98 -23.48 7.66
C LEU C 9 32.25 -22.23 6.84
N LEU C 10 33.49 -21.76 6.82
CA LEU C 10 33.85 -20.60 6.00
C LEU C 10 33.64 -20.87 4.52
N LEU C 11 34.06 -22.05 4.04
CA LEU C 11 33.89 -22.38 2.63
C LEU C 11 32.41 -22.44 2.27
N GLU C 12 31.60 -22.99 3.17
CA GLU C 12 30.17 -23.10 2.88
C GLU C 12 29.46 -21.76 2.96
N LEU C 13 29.76 -20.96 3.99
CA LEU C 13 29.19 -19.63 4.09
C LEU C 13 29.41 -18.85 2.80
N LYS C 14 30.66 -18.82 2.32
CA LYS C 14 30.97 -18.11 1.08
C LYS C 14 30.20 -18.69 -0.10
N GLY C 15 30.00 -20.00 -0.13
CA GLY C 15 29.21 -20.58 -1.21
C GLY C 15 27.74 -20.22 -1.17
N LEU C 16 27.15 -20.19 0.04
CA LEU C 16 25.77 -19.73 0.17
C LEU C 16 25.66 -18.25 -0.20
N GLN C 17 26.71 -17.46 0.11
CA GLN C 17 26.70 -16.06 -0.29
C GLN C 17 26.81 -15.89 -1.80
N GLU C 18 27.64 -16.71 -2.46
CA GLU C 18 27.78 -16.59 -3.90
C GLU C 18 26.53 -17.07 -4.63
N GLU C 19 25.92 -18.17 -4.16
CA GLU C 19 24.76 -18.78 -4.80
C GLU C 19 23.71 -19.04 -3.73
N PRO C 20 22.93 -18.02 -3.37
CA PRO C 20 21.97 -18.18 -2.26
C PRO C 20 20.88 -19.19 -2.58
N VAL C 21 20.49 -19.98 -1.57
CA VAL C 21 19.22 -20.71 -1.64
C VAL C 21 18.07 -19.71 -1.64
N GLU C 22 17.17 -19.84 -2.62
CA GLU C 22 16.16 -18.82 -2.86
C GLU C 22 15.25 -18.75 -1.66
N GLY C 23 14.98 -17.53 -1.21
CA GLY C 23 14.19 -17.31 -0.04
C GLY C 23 14.95 -17.37 1.25
N PHE C 24 16.28 -17.58 1.20
CA PHE C 24 17.09 -17.65 2.40
C PHE C 24 18.26 -16.68 2.30
N ARG C 25 18.55 -16.00 3.40
CA ARG C 25 19.69 -15.11 3.48
C ARG C 25 20.40 -15.43 4.79
N VAL C 26 21.66 -15.87 4.69
CA VAL C 26 22.44 -16.35 5.82
C VAL C 26 23.53 -15.34 6.13
N THR C 27 23.69 -15.03 7.41
CA THR C 27 24.76 -14.16 7.90
C THR C 27 25.32 -14.77 9.20
N LEU C 28 26.24 -14.06 9.83
CA LEU C 28 26.82 -14.49 11.09
C LEU C 28 26.20 -13.71 12.25
N VAL C 29 25.89 -14.42 13.34
CA VAL C 29 25.40 -13.75 14.54
C VAL C 29 26.40 -12.70 14.99
N ASP C 30 27.67 -13.10 15.11
CA ASP C 30 28.76 -12.19 15.44
C ASP C 30 29.90 -12.44 14.47
N GLU C 31 30.41 -11.37 13.88
CA GLU C 31 31.58 -11.49 13.01
C GLU C 31 32.74 -12.06 13.81
N GLY C 32 33.29 -13.18 13.35
CA GLY C 32 34.34 -13.86 14.06
C GLY C 32 33.94 -15.19 14.66
N ASP C 33 32.64 -15.46 14.81
CA ASP C 33 32.15 -16.75 15.31
C ASP C 33 31.44 -17.44 14.16
N LEU C 34 32.06 -18.49 13.64
CA LEU C 34 31.56 -19.20 12.46
C LEU C 34 30.61 -20.33 12.81
N TYR C 35 30.33 -20.55 14.10
CA TYR C 35 29.47 -21.64 14.55
C TYR C 35 28.06 -21.18 14.91
N ASN C 36 27.70 -19.93 14.60
CA ASN C 36 26.38 -19.42 14.91
C ASN C 36 25.94 -18.49 13.80
N TRP C 37 24.85 -18.84 13.12
CA TRP C 37 24.43 -18.13 11.92
C TRP C 37 23.03 -17.58 12.12
N GLU C 38 22.74 -16.45 11.48
CA GLU C 38 21.40 -15.89 11.38
C GLU C 38 20.79 -16.30 10.02
N VAL C 39 19.64 -16.95 10.04
CA VAL C 39 18.94 -17.33 8.83
C VAL C 39 17.67 -16.49 8.70
N ALA C 40 17.57 -15.73 7.62
CA ALA C 40 16.43 -14.88 7.35
C ALA C 40 15.63 -15.54 6.23
N ILE C 41 14.49 -16.09 6.58
CA ILE C 41 13.59 -16.78 5.67
C ILE C 41 12.52 -15.82 5.16
N PHE C 42 12.23 -15.90 3.87
CA PHE C 42 11.19 -15.06 3.25
C PHE C 42 10.12 -15.95 2.64
N GLY C 43 8.86 -15.74 3.03
CA GLY C 43 7.77 -16.54 2.52
C GLY C 43 7.56 -16.26 1.04
N PRO C 44 7.45 -17.31 0.24
CA PRO C 44 7.34 -17.13 -1.22
C PRO C 44 5.91 -16.78 -1.60
N PRO C 45 5.73 -16.15 -2.76
CA PRO C 45 4.38 -15.88 -3.26
C PRO C 45 3.57 -17.16 -3.46
N ASN C 46 2.25 -16.98 -3.55
CA ASN C 46 1.32 -18.08 -3.80
C ASN C 46 1.36 -19.13 -2.70
N THR C 47 1.72 -18.71 -1.49
CA THR C 47 1.70 -19.59 -0.33
C THR C 47 0.89 -18.93 0.77
N TYR C 48 0.55 -19.71 1.79
CA TYR C 48 -0.05 -19.08 2.97
C TYR C 48 0.98 -18.31 3.81
N TYR C 49 2.27 -18.53 3.55
CA TYR C 49 3.37 -17.81 4.17
C TYR C 49 3.73 -16.56 3.39
N GLU C 50 3.04 -16.28 2.28
CA GLU C 50 3.35 -15.13 1.46
C GLU C 50 3.41 -13.83 2.28
N GLY C 51 4.48 -13.08 2.04
CA GLY C 51 4.77 -11.85 2.73
C GLY C 51 5.52 -12.02 4.03
N GLY C 52 5.73 -13.25 4.49
CA GLY C 52 6.33 -13.45 5.79
C GLY C 52 7.81 -13.09 5.81
N TYR C 53 8.31 -12.89 7.03
CA TYR C 53 9.72 -12.64 7.30
C TYR C 53 10.03 -13.44 8.56
N PHE C 54 10.68 -14.58 8.38
CA PHE C 54 10.92 -15.53 9.46
C PHE C 54 12.40 -15.53 9.81
N LYS C 55 12.71 -15.73 11.10
CA LYS C 55 14.09 -15.70 11.58
C LYS C 55 14.42 -16.99 12.32
N ALA C 56 15.65 -17.46 12.14
CA ALA C 56 16.13 -18.70 12.73
C ALA C 56 17.63 -18.64 12.92
N ARG C 57 18.16 -19.68 13.55
CA ARG C 57 19.56 -19.73 13.93
C ARG C 57 20.12 -21.13 13.74
N LEU C 58 21.37 -21.22 13.33
CA LEU C 58 22.09 -22.48 13.22
C LEU C 58 23.28 -22.45 14.16
N LYS C 59 23.36 -23.43 15.04
CA LYS C 59 24.51 -23.62 15.93
C LYS C 59 25.28 -24.87 15.52
N PHE C 60 26.54 -24.71 15.14
CA PHE C 60 27.34 -25.80 14.61
C PHE C 60 28.31 -26.33 15.64
N PRO C 61 28.51 -27.65 15.71
CA PRO C 61 29.47 -28.22 16.66
C PRO C 61 30.90 -28.10 16.15
N ILE C 62 31.86 -28.26 17.06
CA ILE C 62 33.25 -28.35 16.62
C ILE C 62 33.46 -29.58 15.74
N ASP C 63 32.67 -30.65 15.95
CA ASP C 63 32.79 -31.88 15.18
C ASP C 63 32.44 -31.69 13.70
N TYR C 64 31.81 -30.57 13.36
CA TYR C 64 31.26 -30.38 12.02
C TYR C 64 32.32 -30.67 10.96
N PRO C 65 31.97 -31.29 9.82
CA PRO C 65 30.63 -31.75 9.44
C PRO C 65 30.37 -33.19 9.83
N TYR C 66 31.07 -33.70 10.84
CA TYR C 66 30.90 -35.07 11.28
C TYR C 66 29.79 -35.23 12.31
N SER C 67 29.15 -34.15 12.73
CA SER C 67 27.97 -34.18 13.58
C SER C 67 27.03 -33.09 13.10
N PRO C 68 25.70 -33.29 13.23
CA PRO C 68 24.76 -32.35 12.62
C PRO C 68 24.70 -31.04 13.40
N PRO C 69 24.41 -29.94 12.74
CA PRO C 69 24.08 -28.70 13.46
C PRO C 69 22.67 -28.69 14.03
N ALA C 70 22.26 -27.54 14.56
CA ALA C 70 20.94 -27.37 15.17
C ALA C 70 20.26 -26.16 14.56
N PHE C 71 19.01 -26.34 14.12
CA PHE C 71 18.20 -25.30 13.48
C PHE C 71 17.04 -24.96 14.41
N ARG C 72 16.94 -23.69 14.81
CA ARG C 72 15.86 -23.26 15.69
C ARG C 72 15.26 -21.95 15.17
N PHE C 73 13.95 -21.95 14.95
CA PHE C 73 13.29 -20.72 14.58
C PHE C 73 13.18 -19.77 15.77
N LEU C 74 13.45 -18.48 15.52
CA LEU C 74 13.25 -17.45 16.52
C LEU C 74 11.83 -16.89 16.41
N THR C 75 11.33 -16.75 15.19
CA THR C 75 9.93 -16.54 14.98
C THR C 75 9.08 -17.72 15.49
N LYS C 76 7.96 -17.41 16.16
CA LYS C 76 7.06 -18.47 16.59
C LYS C 76 6.37 -19.07 15.38
N MET C 77 6.37 -20.40 15.29
CA MET C 77 5.84 -21.10 14.14
C MET C 77 4.88 -22.20 14.57
N TRP C 78 3.74 -22.30 13.89
CA TRP C 78 2.80 -23.41 14.06
C TRP C 78 3.04 -24.42 12.94
N HIS C 79 3.66 -25.56 13.28
CA HIS C 79 4.04 -26.54 12.27
C HIS C 79 4.17 -27.92 12.91
N PRO C 80 3.70 -28.98 12.24
CA PRO C 80 3.77 -30.31 12.87
C PRO C 80 5.19 -30.74 13.23
N ASN C 81 6.22 -30.13 12.66
CA ASN C 81 7.60 -30.55 12.95
C ASN C 81 8.45 -29.45 13.58
N ILE C 82 7.81 -28.47 14.20
CA ILE C 82 8.53 -27.39 14.87
C ILE C 82 8.09 -27.39 16.33
N TYR C 83 9.06 -27.53 17.23
CA TYR C 83 8.79 -27.44 18.65
C TYR C 83 8.32 -26.04 19.04
N GLU C 84 7.73 -25.96 20.25
CA GLU C 84 7.41 -24.67 20.84
C GLU C 84 8.67 -23.84 21.09
N THR C 85 9.81 -24.50 21.30
CA THR C 85 11.07 -23.78 21.45
C THR C 85 11.54 -23.11 20.16
N GLY C 86 11.01 -23.53 18.99
CA GLY C 86 11.60 -23.21 17.71
C GLY C 86 12.45 -24.30 17.11
N ASP C 87 12.90 -25.28 17.92
CA ASP C 87 13.66 -26.41 17.40
C ASP C 87 12.87 -27.08 16.29
N VAL C 88 13.54 -27.33 15.18
CA VAL C 88 12.95 -28.04 14.06
C VAL C 88 13.44 -29.48 14.08
N CYS C 89 12.51 -30.43 14.13
CA CYS C 89 12.85 -31.86 14.13
C CYS C 89 12.89 -32.32 12.68
N ILE C 90 14.09 -32.38 12.12
CA ILE C 90 14.28 -32.94 10.79
C ILE C 90 15.05 -34.25 10.95
N SER C 91 14.77 -35.16 10.02
CA SER C 91 15.50 -36.41 9.92
C SER C 91 16.97 -36.19 9.64
N ILE C 92 17.32 -35.05 9.04
CA ILE C 92 18.68 -34.83 8.55
C ILE C 92 19.56 -34.21 9.62
N LEU C 93 18.97 -33.55 10.63
CA LEU C 93 19.68 -32.93 11.74
C LEU C 93 19.82 -33.87 12.94
N HIS C 94 19.47 -35.14 12.78
CA HIS C 94 19.75 -36.17 13.77
C HIS C 94 20.54 -37.30 13.12
N PRO C 95 21.62 -37.81 13.76
CA PRO C 95 22.41 -38.91 13.18
C PRO C 95 21.94 -40.30 13.62
N LEU C 105 15.67 -43.58 2.43
CA LEU C 105 16.01 -42.17 2.36
C LEU C 105 17.38 -41.88 3.01
N PRO C 106 18.47 -42.36 2.39
CA PRO C 106 19.81 -42.10 2.96
C PRO C 106 20.21 -40.63 2.92
N SER C 107 19.86 -39.92 1.84
CA SER C 107 20.09 -38.48 1.79
C SER C 107 19.35 -37.74 2.89
N GLU C 108 18.42 -38.42 3.57
CA GLU C 108 17.65 -37.85 4.66
C GLU C 108 18.25 -38.14 6.04
N ARG C 109 19.49 -38.58 6.12
CA ARG C 109 20.16 -38.80 7.39
C ARG C 109 21.48 -38.04 7.37
N TRP C 110 22.01 -37.77 8.55
CA TRP C 110 23.21 -36.95 8.62
C TRP C 110 24.45 -37.78 8.36
N ASN C 111 25.39 -37.21 7.60
CA ASN C 111 26.68 -37.81 7.28
C ASN C 111 27.65 -36.69 6.96
N PRO C 112 28.97 -36.98 6.82
CA PRO C 112 29.93 -35.87 6.63
C PRO C 112 29.80 -35.17 5.27
N THR C 113 29.19 -35.81 4.27
CA THR C 113 28.98 -35.16 2.97
C THR C 113 27.87 -34.13 2.99
N GLN C 114 27.04 -34.10 4.04
CA GLN C 114 25.94 -33.15 4.08
C GLN C 114 26.46 -31.74 4.31
N ASN C 115 25.78 -30.77 3.70
CA ASN C 115 26.17 -29.37 3.79
C ASN C 115 24.93 -28.55 4.16
N VAL C 116 25.14 -27.26 4.43
CA VAL C 116 24.02 -26.41 4.85
C VAL C 116 23.03 -26.23 3.70
N ARG C 117 23.50 -26.23 2.45
CA ARG C 117 22.59 -26.13 1.31
C ARG C 117 21.61 -27.29 1.28
N THR C 118 22.05 -28.49 1.66
CA THR C 118 21.12 -29.61 1.71
C THR C 118 20.12 -29.43 2.85
N ILE C 119 20.56 -28.95 4.00
CA ILE C 119 19.65 -28.73 5.13
C ILE C 119 18.55 -27.73 4.75
N LEU C 120 18.93 -26.59 4.20
CA LEU C 120 17.98 -25.55 3.88
C LEU C 120 16.94 -26.04 2.87
N LEU C 121 17.38 -26.79 1.83
CA LEU C 121 16.43 -27.35 0.88
C LEU C 121 15.55 -28.38 1.55
N SER C 122 16.06 -29.09 2.55
CA SER C 122 15.20 -30.01 3.29
C SER C 122 14.20 -29.27 4.17
N VAL C 123 14.58 -28.09 4.67
CA VAL C 123 13.65 -27.28 5.45
C VAL C 123 12.52 -26.78 4.56
N ILE C 124 12.87 -26.38 3.32
CA ILE C 124 11.84 -25.93 2.37
C ILE C 124 10.87 -27.06 2.11
N SER C 125 11.39 -28.28 1.94
CA SER C 125 10.56 -29.43 1.67
C SER C 125 9.63 -29.74 2.84
N LEU C 126 10.11 -29.56 4.08
CA LEU C 126 9.28 -29.86 5.24
C LEU C 126 8.20 -28.81 5.51
N LEU C 127 8.49 -27.54 5.19
CA LEU C 127 7.48 -26.50 5.25
C LEU C 127 6.38 -26.74 4.22
N ASN C 128 6.76 -27.25 3.05
CA ASN C 128 5.78 -27.62 2.03
C ASN C 128 4.98 -28.85 2.47
N GLU C 129 5.62 -29.78 3.19
CA GLU C 129 5.07 -31.11 3.41
C GLU C 129 5.45 -31.53 4.83
N PRO C 130 4.57 -31.26 5.80
CA PRO C 130 4.86 -31.71 7.17
C PRO C 130 4.98 -33.23 7.23
N ASN C 131 5.87 -33.70 8.09
CA ASN C 131 5.99 -35.11 8.43
C ASN C 131 5.00 -35.44 9.56
N THR C 132 3.81 -35.90 9.18
CA THR C 132 2.75 -36.25 10.13
C THR C 132 2.96 -37.60 10.80
N PHE C 133 4.04 -38.31 10.49
CA PHE C 133 4.31 -39.61 11.10
C PHE C 133 5.18 -39.51 12.35
N SER C 134 6.09 -38.54 12.41
CA SER C 134 6.88 -38.29 13.61
C SER C 134 6.79 -36.81 13.98
N PRO C 135 5.61 -36.32 14.40
CA PRO C 135 5.44 -34.89 14.68
C PRO C 135 6.02 -34.47 16.03
N ALA C 136 6.70 -33.34 16.04
CA ALA C 136 7.11 -32.74 17.31
C ALA C 136 5.95 -32.00 17.97
N ASN C 137 5.18 -31.27 17.17
CA ASN C 137 3.97 -30.61 17.61
C ASN C 137 2.81 -31.47 17.15
N VAL C 138 2.33 -32.33 18.05
CA VAL C 138 1.19 -33.20 17.73
C VAL C 138 -0.07 -32.40 17.45
N ASP C 139 -0.36 -31.37 18.27
CA ASP C 139 -1.60 -30.62 18.05
C ASP C 139 -1.61 -29.95 16.68
N ALA C 140 -0.43 -29.61 16.14
CA ALA C 140 -0.38 -29.01 14.81
C ALA C 140 -0.45 -30.10 13.72
N SER C 141 0.03 -31.30 14.04
CA SER C 141 -0.08 -32.42 13.11
C SER C 141 -1.53 -32.85 12.94
N VAL C 142 -2.28 -32.94 14.04
CA VAL C 142 -3.68 -33.37 13.98
C VAL C 142 -4.50 -32.32 13.26
N MET C 143 -4.17 -31.03 13.46
CA MET C 143 -4.90 -29.95 12.80
C MET C 143 -4.53 -29.85 11.32
N TYR C 144 -3.25 -30.03 10.98
CA TYR C 144 -2.85 -30.01 9.57
C TYR C 144 -3.54 -31.14 8.79
N ARG C 145 -3.61 -32.32 9.40
CA ARG C 145 -4.24 -33.43 8.70
C ARG C 145 -5.74 -33.22 8.59
N LYS C 146 -6.35 -32.57 9.57
CA LYS C 146 -7.77 -32.21 9.45
C LYS C 146 -7.96 -31.19 8.32
N TRP C 147 -6.94 -30.37 8.09
CA TRP C 147 -7.00 -29.41 7.00
C TRP C 147 -6.90 -30.10 5.64
N LYS C 148 -5.96 -31.03 5.50
CA LYS C 148 -5.81 -31.75 4.23
C LYS C 148 -7.03 -32.62 3.94
N GLU C 149 -7.68 -33.14 4.98
CA GLU C 149 -8.83 -34.03 4.79
C GLU C 149 -10.15 -33.28 4.59
N SER C 150 -10.30 -32.04 5.09
CA SER C 150 -11.51 -31.31 4.77
C SER C 150 -11.51 -30.79 3.33
N LYS C 151 -10.40 -30.93 2.61
CA LYS C 151 -10.27 -30.39 1.25
C LYS C 151 -10.53 -28.88 1.21
N GLY C 152 -10.14 -28.16 2.29
CA GLY C 152 -10.25 -26.73 2.34
C GLY C 152 -11.39 -26.17 3.17
N LYS C 153 -12.36 -27.01 3.56
CA LYS C 153 -13.48 -26.53 4.37
C LYS C 153 -12.99 -25.95 5.70
N ASP C 154 -12.35 -26.80 6.52
CA ASP C 154 -11.77 -26.34 7.77
C ASP C 154 -10.61 -25.40 7.50
N ARG C 155 -10.58 -24.25 8.17
CA ARG C 155 -9.52 -23.26 7.99
C ARG C 155 -8.84 -22.92 9.30
N GLU C 156 -8.94 -23.79 10.30
CA GLU C 156 -8.23 -23.57 11.55
C GLU C 156 -6.72 -23.46 11.34
N TYR C 157 -6.12 -24.42 10.63
CA TYR C 157 -4.67 -24.44 10.45
C TYR C 157 -4.17 -23.25 9.63
N THR C 158 -4.84 -22.95 8.53
CA THR C 158 -4.36 -21.85 7.71
C THR C 158 -4.58 -20.49 8.37
N ASP C 159 -5.48 -20.40 9.35
CA ASP C 159 -5.67 -19.12 10.05
C ASP C 159 -4.56 -18.84 11.06
N ILE C 160 -4.12 -19.86 11.81
CA ILE C 160 -2.95 -19.71 12.66
C ILE C 160 -1.72 -19.32 11.83
N ILE C 161 -1.54 -19.95 10.67
CA ILE C 161 -0.39 -19.63 9.82
C ILE C 161 -0.49 -18.20 9.31
N ARG C 162 -1.65 -17.84 8.74
CA ARG C 162 -1.82 -16.48 8.22
C ARG C 162 -1.71 -15.40 9.34
N LYS C 163 -2.12 -15.69 10.56
CA LYS C 163 -1.92 -14.70 11.62
C LYS C 163 -0.43 -14.54 11.95
N GLN C 164 0.29 -15.65 12.10
CA GLN C 164 1.73 -15.57 12.36
C GLN C 164 2.47 -14.88 11.22
N VAL C 165 2.04 -15.15 9.99
CA VAL C 165 2.68 -14.49 8.87
C VAL C 165 2.42 -13.00 8.88
N LEU C 166 1.20 -12.60 9.23
CA LEU C 166 0.86 -11.17 9.30
C LEU C 166 1.67 -10.48 10.38
N GLY C 167 1.85 -11.13 11.52
CA GLY C 167 2.58 -10.47 12.59
C GLY C 167 4.07 -10.32 12.34
N THR C 168 4.62 -11.05 11.37
CA THR C 168 6.05 -10.96 11.10
C THR C 168 6.41 -9.62 10.48
N LYS C 169 5.43 -8.87 9.97
CA LYS C 169 5.73 -7.55 9.43
C LYS C 169 6.26 -6.62 10.53
N VAL C 170 5.86 -6.85 11.79
CA VAL C 170 6.45 -6.10 12.89
C VAL C 170 7.91 -6.49 13.08
N ASP C 171 8.22 -7.79 12.90
CA ASP C 171 9.61 -8.23 12.96
C ASP C 171 10.43 -7.57 11.86
N ALA C 172 9.86 -7.42 10.68
CA ALA C 172 10.59 -6.82 9.58
C ALA C 172 10.87 -5.34 9.82
N GLU C 173 10.00 -4.63 10.54
CA GLU C 173 10.26 -3.23 10.84
C GLU C 173 11.46 -3.07 11.75
N ARG C 174 11.56 -3.90 12.78
CA ARG C 174 12.63 -3.78 13.76
C ARG C 174 14.00 -4.04 13.12
N ASP C 175 14.10 -5.06 12.27
CA ASP C 175 15.36 -5.38 11.61
C ASP C 175 15.58 -4.54 10.37
N GLY C 176 14.62 -3.70 9.99
CA GLY C 176 14.77 -2.86 8.82
C GLY C 176 14.91 -3.59 7.51
N VAL C 177 14.13 -4.64 7.32
CA VAL C 177 14.20 -5.45 6.11
C VAL C 177 12.99 -5.11 5.25
N LYS C 178 13.25 -4.75 3.98
CA LYS C 178 12.17 -4.54 3.00
C LYS C 178 11.78 -5.90 2.43
N VAL C 179 10.63 -6.42 2.87
CA VAL C 179 10.13 -7.73 2.44
C VAL C 179 9.76 -7.65 0.96
N PRO C 180 10.43 -8.42 0.08
CA PRO C 180 10.23 -8.41 -1.38
C PRO C 180 8.90 -9.06 -1.80
N GLY D 4 8.09 -26.87 -27.33
CA GLY D 4 8.89 -27.45 -26.27
C GLY D 4 9.91 -26.50 -25.70
N MET D 5 10.76 -27.01 -24.83
CA MET D 5 11.80 -26.25 -24.14
C MET D 5 12.71 -27.26 -23.44
N GLN D 6 13.76 -26.75 -22.81
CA GLN D 6 14.61 -27.60 -21.98
C GLN D 6 14.80 -26.93 -20.62
N ILE D 7 14.37 -27.63 -19.57
CA ILE D 7 14.52 -27.13 -18.22
C ILE D 7 15.70 -27.84 -17.56
N PHE D 8 16.12 -27.35 -16.40
CA PHE D 8 17.23 -27.89 -15.66
C PHE D 8 16.73 -28.41 -14.32
N VAL D 9 17.39 -29.46 -13.82
CA VAL D 9 17.05 -30.02 -12.53
C VAL D 9 18.35 -30.30 -11.78
N LYS D 10 18.67 -29.44 -10.81
CA LYS D 10 19.78 -29.69 -9.90
C LYS D 10 19.35 -30.64 -8.79
N THR D 11 20.29 -31.48 -8.38
CA THR D 11 20.04 -32.45 -7.32
C THR D 11 20.81 -32.07 -6.05
N LEU D 12 20.61 -32.87 -4.99
CA LEU D 12 21.27 -32.59 -3.73
C LEU D 12 22.77 -32.82 -3.78
N THR D 13 23.23 -33.79 -4.57
CA THR D 13 24.67 -33.82 -4.81
C THR D 13 25.08 -32.55 -5.56
N GLY D 14 24.22 -32.03 -6.42
CA GLY D 14 24.52 -30.82 -7.14
C GLY D 14 24.65 -30.99 -8.64
N LYS D 15 24.48 -32.21 -9.15
CA LYS D 15 24.56 -32.43 -10.58
C LYS D 15 23.33 -31.84 -11.26
N THR D 16 23.52 -31.31 -12.45
CA THR D 16 22.42 -30.72 -13.21
C THR D 16 21.95 -31.71 -14.26
N ILE D 17 20.64 -31.94 -14.33
CA ILE D 17 20.03 -32.94 -15.20
C ILE D 17 19.26 -32.18 -16.28
N THR D 18 19.73 -32.31 -17.52
CA THR D 18 19.05 -31.72 -18.65
C THR D 18 17.80 -32.53 -18.97
N LEU D 19 16.67 -31.86 -19.13
CA LEU D 19 15.42 -32.51 -19.53
C LEU D 19 14.79 -31.75 -20.69
N GLU D 20 14.24 -32.49 -21.65
CA GLU D 20 13.49 -31.91 -22.77
C GLU D 20 12.00 -32.04 -22.46
N VAL D 21 11.32 -30.90 -22.32
CA VAL D 21 9.94 -30.90 -21.84
C VAL D 21 9.10 -29.99 -22.73
N GLU D 22 7.78 -30.09 -22.54
CA GLU D 22 6.79 -29.19 -23.12
C GLU D 22 6.07 -28.43 -22.00
N PRO D 23 5.54 -27.24 -22.28
CA PRO D 23 4.80 -26.52 -21.23
C PRO D 23 3.58 -27.27 -20.73
N SER D 24 2.98 -28.14 -21.55
CA SER D 24 1.86 -28.94 -21.10
C SER D 24 2.29 -30.21 -20.38
N ASP D 25 3.59 -30.54 -20.39
CA ASP D 25 4.08 -31.71 -19.67
C ASP D 25 3.75 -31.58 -18.20
N THR D 26 3.04 -32.58 -17.68
CA THR D 26 2.63 -32.60 -16.29
C THR D 26 3.83 -32.85 -15.38
N ILE D 27 3.75 -32.37 -14.14
CA ILE D 27 4.86 -32.56 -13.20
C ILE D 27 5.16 -34.06 -13.01
N GLU D 28 4.13 -34.91 -13.04
CA GLU D 28 4.36 -36.35 -12.97
C GLU D 28 5.15 -36.84 -14.17
N ASN D 29 5.03 -36.17 -15.32
CA ASN D 29 5.81 -36.53 -16.51
C ASN D 29 7.24 -36.03 -16.41
N VAL D 30 7.45 -34.85 -15.81
CA VAL D 30 8.81 -34.39 -15.55
C VAL D 30 9.51 -35.35 -14.60
N LYS D 31 8.78 -35.87 -13.61
CA LYS D 31 9.38 -36.80 -12.65
C LYS D 31 9.70 -38.15 -13.28
N ALA D 32 8.89 -38.58 -14.26
CA ALA D 32 9.18 -39.83 -14.97
C ALA D 32 10.44 -39.69 -15.84
N LYS D 33 10.61 -38.54 -16.49
CA LYS D 33 11.81 -38.26 -17.26
C LYS D 33 13.07 -38.30 -16.41
N ILE D 34 12.94 -38.14 -15.09
CA ILE D 34 14.08 -38.24 -14.18
C ILE D 34 14.35 -39.69 -13.78
N GLN D 35 13.31 -40.50 -13.60
CA GLN D 35 13.51 -41.92 -13.37
C GLN D 35 14.24 -42.57 -14.53
N ASP D 36 14.08 -42.05 -15.72
CA ASP D 36 14.68 -42.64 -16.88
C ASP D 36 16.14 -42.36 -17.00
N LYS D 37 16.55 -41.21 -16.51
CA LYS D 37 17.94 -40.82 -16.58
C LYS D 37 18.70 -41.18 -15.33
N GLU D 38 18.03 -41.30 -14.19
CA GLU D 38 18.73 -41.58 -12.95
C GLU D 38 18.08 -42.65 -12.08
N GLY D 39 16.90 -43.14 -12.44
CA GLY D 39 16.34 -44.29 -11.74
C GLY D 39 15.69 -44.01 -10.41
N ILE D 40 15.58 -42.74 -10.00
CA ILE D 40 14.89 -42.41 -8.75
C ILE D 40 13.39 -42.60 -8.93
N PRO D 41 12.73 -43.37 -8.09
CA PRO D 41 11.27 -43.58 -8.24
C PRO D 41 10.54 -42.26 -8.13
N PRO D 42 9.53 -42.03 -8.97
CA PRO D 42 8.80 -40.76 -8.90
C PRO D 42 8.03 -40.55 -7.59
N ASP D 43 7.75 -41.62 -6.83
CA ASP D 43 7.00 -41.47 -5.59
C ASP D 43 7.81 -40.80 -4.48
N GLN D 44 9.14 -40.89 -4.53
CA GLN D 44 9.96 -40.19 -3.54
C GLN D 44 10.51 -38.87 -4.05
N GLN D 45 10.21 -38.49 -5.29
CA GLN D 45 10.73 -37.26 -5.85
C GLN D 45 9.91 -36.06 -5.40
N ARG D 46 10.62 -34.94 -5.14
CA ARG D 46 9.99 -33.66 -4.82
C ARG D 46 10.75 -32.60 -5.60
N LEU D 47 10.11 -32.01 -6.60
CA LEU D 47 10.66 -30.88 -7.32
C LEU D 47 10.28 -29.58 -6.62
N ILE D 48 11.24 -28.67 -6.54
CA ILE D 48 11.03 -27.40 -5.84
C ILE D 48 11.39 -26.26 -6.78
N PHE D 49 10.43 -25.36 -7.02
CA PHE D 49 10.64 -24.17 -7.82
C PHE D 49 10.00 -22.97 -7.11
N ALA D 50 10.77 -21.89 -6.96
CA ALA D 50 10.32 -20.69 -6.25
C ALA D 50 9.87 -21.02 -4.85
N GLY D 51 10.66 -21.84 -4.15
CA GLY D 51 10.35 -22.17 -2.78
C GLY D 51 9.16 -23.08 -2.61
N LYS D 52 8.56 -23.52 -3.71
CA LYS D 52 7.32 -24.27 -3.65
C LYS D 52 7.54 -25.67 -4.23
N GLN D 53 7.09 -26.68 -3.50
CA GLN D 53 7.18 -28.06 -3.92
C GLN D 53 6.11 -28.34 -4.99
N LEU D 54 6.54 -28.61 -6.22
CA LEU D 54 5.59 -28.75 -7.31
C LEU D 54 4.83 -30.07 -7.18
N GLU D 55 3.50 -30.00 -7.24
CA GLU D 55 2.64 -31.16 -7.05
C GLU D 55 2.38 -31.89 -8.37
N ASP D 56 2.16 -33.20 -8.26
CA ASP D 56 1.88 -34.00 -9.44
C ASP D 56 0.48 -33.71 -9.97
N GLY D 57 0.29 -34.00 -11.25
CA GLY D 57 -0.99 -33.75 -11.87
C GLY D 57 -1.20 -32.34 -12.39
N ARG D 58 -0.35 -31.38 -12.00
CA ARG D 58 -0.36 -30.03 -12.56
C ARG D 58 0.82 -29.86 -13.50
N THR D 59 0.68 -28.91 -14.43
CA THR D 59 1.65 -28.72 -15.50
C THR D 59 2.67 -27.65 -15.15
N LEU D 60 3.69 -27.55 -16.01
CA LEU D 60 4.72 -26.54 -15.86
C LEU D 60 4.16 -25.15 -16.12
N SER D 61 3.26 -25.04 -17.10
CA SER D 61 2.60 -23.76 -17.39
C SER D 61 1.86 -23.24 -16.18
N ASP D 62 1.20 -24.13 -15.42
CA ASP D 62 0.49 -23.70 -14.21
C ASP D 62 1.40 -22.95 -13.24
N TYR D 63 2.68 -23.29 -13.19
CA TYR D 63 3.65 -22.64 -12.32
C TYR D 63 4.50 -21.61 -13.04
N ASN D 64 4.19 -21.32 -14.31
CA ASN D 64 4.91 -20.32 -15.11
C ASN D 64 6.42 -20.61 -15.15
N ILE D 65 6.76 -21.89 -15.39
CA ILE D 65 8.14 -22.35 -15.45
C ILE D 65 8.61 -22.21 -16.90
N GLN D 66 9.63 -21.36 -17.11
CA GLN D 66 10.02 -20.96 -18.44
C GLN D 66 11.18 -21.84 -18.93
N LYS D 67 11.71 -21.52 -20.11
CA LYS D 67 12.89 -22.22 -20.63
C LYS D 67 14.12 -21.88 -19.78
N GLU D 68 15.01 -22.86 -19.66
CA GLU D 68 16.25 -22.73 -18.88
C GLU D 68 15.97 -22.41 -17.40
N SER D 69 14.80 -22.78 -16.89
CA SER D 69 14.50 -22.65 -15.47
C SER D 69 14.98 -23.88 -14.73
N THR D 70 15.55 -23.68 -13.55
CA THR D 70 16.15 -24.76 -12.78
C THR D 70 15.22 -25.18 -11.64
N LEU D 71 14.90 -26.46 -11.59
CA LEU D 71 14.22 -27.06 -10.47
C LEU D 71 15.22 -27.77 -9.56
N HIS D 72 14.80 -27.98 -8.30
CA HIS D 72 15.64 -28.60 -7.28
C HIS D 72 15.02 -29.91 -6.83
N LEU D 73 15.78 -31.00 -6.95
CA LEU D 73 15.27 -32.32 -6.60
C LEU D 73 15.58 -32.64 -5.14
N VAL D 74 14.55 -33.01 -4.38
CA VAL D 74 14.73 -33.47 -3.02
C VAL D 74 13.94 -34.76 -2.90
N LEU D 75 14.35 -35.64 -2.00
CA LEU D 75 13.76 -36.96 -1.87
C LEU D 75 13.04 -37.06 -0.54
N ARG D 76 11.82 -37.59 -0.56
CA ARG D 76 11.00 -37.78 0.64
C ARG D 76 10.38 -39.18 0.59
N LEU D 77 10.70 -40.02 1.58
CA LEU D 77 10.22 -41.39 1.59
C LEU D 77 8.73 -41.50 1.86
N ARG D 78 8.11 -40.44 2.40
CA ARG D 78 6.69 -40.44 2.77
C ARG D 78 5.78 -40.82 1.60
N PRO E 3 -18.09 18.65 -31.46
CA PRO E 3 -17.01 19.53 -30.99
C PRO E 3 -16.11 18.89 -29.95
N SER E 4 -14.84 19.30 -29.92
CA SER E 4 -13.91 18.75 -28.95
C SER E 4 -14.26 19.22 -27.54
N SER E 5 -14.89 20.39 -27.42
CA SER E 5 -15.24 20.85 -26.08
C SER E 5 -16.29 19.95 -25.46
N GLN E 6 -17.26 19.48 -26.26
CA GLN E 6 -18.31 18.59 -25.75
C GLN E 6 -17.73 17.32 -25.15
N LYS E 7 -16.85 16.65 -25.90
CA LYS E 7 -16.24 15.43 -25.41
C LYS E 7 -15.31 15.68 -24.23
N ALA E 8 -14.64 16.84 -24.20
CA ALA E 8 -13.78 17.17 -23.07
C ALA E 8 -14.60 17.41 -21.81
N LEU E 9 -15.73 18.10 -21.94
CA LEU E 9 -16.53 18.40 -20.77
C LEU E 9 -17.30 17.19 -20.29
N LEU E 10 -17.67 16.27 -21.19
CA LEU E 10 -18.37 15.06 -20.76
C LEU E 10 -17.45 14.13 -19.98
N LEU E 11 -16.19 14.00 -20.43
CA LEU E 11 -15.23 13.15 -19.73
C LEU E 11 -14.85 13.76 -18.38
N GLU E 12 -14.72 15.07 -18.31
CA GLU E 12 -14.42 15.69 -17.03
C GLU E 12 -15.60 15.59 -16.07
N LEU E 13 -16.81 15.90 -16.55
CA LEU E 13 -17.99 15.75 -15.70
C LEU E 13 -18.10 14.33 -15.19
N LYS E 14 -17.86 13.35 -16.06
CA LYS E 14 -17.86 11.96 -15.64
C LYS E 14 -16.76 11.68 -14.62
N GLY E 15 -15.57 12.26 -14.81
CA GLY E 15 -14.48 12.01 -13.89
C GLY E 15 -14.63 12.69 -12.55
N LEU E 16 -15.19 13.91 -12.53
CA LEU E 16 -15.42 14.61 -11.27
C LEU E 16 -16.56 14.00 -10.44
N GLN E 17 -17.42 13.18 -11.05
CA GLN E 17 -18.46 12.47 -10.31
C GLN E 17 -18.06 11.06 -9.89
N GLU E 18 -17.11 10.43 -10.60
CA GLU E 18 -16.57 9.14 -10.15
C GLU E 18 -15.52 9.32 -9.04
N GLU E 19 -14.71 10.37 -9.11
CA GLU E 19 -13.74 10.69 -8.07
C GLU E 19 -13.99 12.13 -7.65
N PRO E 20 -15.02 12.38 -6.84
CA PRO E 20 -15.35 13.76 -6.48
C PRO E 20 -14.25 14.44 -5.68
N VAL E 21 -14.06 15.72 -5.96
CA VAL E 21 -13.33 16.58 -5.03
C VAL E 21 -14.15 16.71 -3.75
N GLU E 22 -13.54 16.39 -2.61
CA GLU E 22 -14.26 16.35 -1.35
C GLU E 22 -14.79 17.74 -0.99
N GLY E 23 -16.05 17.79 -0.54
CA GLY E 23 -16.71 19.04 -0.27
C GLY E 23 -17.33 19.72 -1.47
N PHE E 24 -17.29 19.09 -2.66
CA PHE E 24 -17.84 19.68 -3.87
C PHE E 24 -18.75 18.68 -4.61
N ARG E 25 -19.85 19.19 -5.16
CA ARG E 25 -20.82 18.37 -5.89
C ARG E 25 -21.06 19.03 -7.22
N VAL E 26 -20.73 18.33 -8.29
CA VAL E 26 -20.88 18.85 -9.65
C VAL E 26 -22.08 18.14 -10.28
N THR E 27 -22.97 18.92 -10.86
CA THR E 27 -24.09 18.42 -11.63
C THR E 27 -24.26 19.35 -12.81
N LEU E 28 -25.27 19.09 -13.63
CA LEU E 28 -25.60 19.94 -14.76
C LEU E 28 -26.80 20.84 -14.44
N VAL E 29 -26.65 22.14 -14.73
CA VAL E 29 -27.76 23.08 -14.56
C VAL E 29 -28.97 22.62 -15.36
N ASP E 30 -28.76 22.31 -16.64
CA ASP E 30 -29.80 21.76 -17.50
C ASP E 30 -29.27 20.49 -18.15
N GLU E 31 -30.06 19.43 -18.02
CA GLU E 31 -29.72 18.15 -18.61
C GLU E 31 -29.67 18.25 -20.13
N GLY E 32 -28.51 17.94 -20.71
CA GLY E 32 -28.31 18.04 -22.13
C GLY E 32 -27.42 19.20 -22.57
N ASP E 33 -27.18 20.18 -21.69
CA ASP E 33 -26.29 21.30 -21.96
C ASP E 33 -25.06 21.17 -21.09
N LEU E 34 -23.93 20.82 -21.70
CA LEU E 34 -22.71 20.52 -20.98
C LEU E 34 -21.90 21.78 -20.64
N TYR E 35 -22.36 22.95 -21.03
CA TYR E 35 -21.56 24.16 -20.87
C TYR E 35 -21.98 24.98 -19.65
N ASN E 36 -22.70 24.35 -18.73
CA ASN E 36 -23.26 25.04 -17.56
C ASN E 36 -23.39 24.02 -16.45
N TRP E 37 -22.62 24.21 -15.38
CA TRP E 37 -22.57 23.26 -14.28
C TRP E 37 -23.03 23.91 -12.97
N GLU E 38 -23.74 23.14 -12.16
CA GLU E 38 -24.12 23.53 -10.81
C GLU E 38 -23.09 22.95 -9.86
N VAL E 39 -22.55 23.79 -8.96
CA VAL E 39 -21.53 23.37 -8.02
C VAL E 39 -22.08 23.58 -6.62
N ALA E 40 -22.28 22.48 -5.90
CA ALA E 40 -22.78 22.50 -4.53
C ALA E 40 -21.58 22.28 -3.61
N ILE E 41 -21.16 23.34 -2.91
CA ILE E 41 -20.04 23.31 -1.98
C ILE E 41 -20.55 23.23 -0.55
N PHE E 42 -19.87 22.43 0.28
CA PHE E 42 -20.26 22.18 1.65
C PHE E 42 -19.09 22.49 2.58
N GLY E 43 -19.36 23.32 3.59
CA GLY E 43 -18.34 23.74 4.51
C GLY E 43 -17.87 22.60 5.39
N PRO E 44 -16.54 22.43 5.46
CA PRO E 44 -15.97 21.28 6.19
C PRO E 44 -16.02 21.49 7.70
N PRO E 45 -15.90 20.41 8.47
CA PRO E 45 -15.82 20.54 9.93
C PRO E 45 -14.58 21.31 10.36
N ASN E 46 -14.67 21.91 11.56
CA ASN E 46 -13.58 22.67 12.17
C ASN E 46 -13.15 23.86 11.30
N THR E 47 -14.11 24.51 10.66
CA THR E 47 -13.89 25.73 9.90
C THR E 47 -14.96 26.74 10.28
N TYR E 48 -14.80 27.99 9.86
CA TYR E 48 -15.86 28.94 10.08
C TYR E 48 -17.01 28.79 9.10
N TYR E 49 -16.87 27.95 8.07
CA TYR E 49 -17.91 27.67 7.09
C TYR E 49 -18.66 26.39 7.43
N GLU E 50 -18.43 25.84 8.62
CA GLU E 50 -19.05 24.59 9.01
C GLU E 50 -20.58 24.68 8.97
N GLY E 51 -21.20 23.62 8.46
CA GLY E 51 -22.65 23.53 8.30
C GLY E 51 -23.16 24.28 7.10
N GLY E 52 -22.27 24.82 6.26
CA GLY E 52 -22.67 25.66 5.16
C GLY E 52 -23.09 24.87 3.93
N TYR E 53 -23.96 25.48 3.13
CA TYR E 53 -24.41 24.96 1.85
C TYR E 53 -24.29 26.14 0.90
N PHE E 54 -23.18 26.24 0.18
CA PHE E 54 -22.92 27.31 -0.77
C PHE E 54 -23.11 26.80 -2.19
N LYS E 55 -23.64 27.67 -3.05
CA LYS E 55 -24.00 27.35 -4.42
C LYS E 55 -23.20 28.20 -5.39
N ALA E 56 -22.74 27.56 -6.49
CA ALA E 56 -21.97 28.24 -7.54
C ALA E 56 -22.20 27.56 -8.89
N ARG E 57 -21.70 28.20 -9.94
CA ARG E 57 -21.98 27.75 -11.29
C ARG E 57 -20.73 27.95 -12.14
N LEU E 58 -20.48 26.99 -13.04
CA LEU E 58 -19.40 27.05 -14.01
C LEU E 58 -20.01 27.21 -15.39
N LYS E 59 -19.60 28.25 -16.11
CA LYS E 59 -19.99 28.48 -17.51
C LYS E 59 -18.78 28.28 -18.43
N PHE E 60 -18.86 27.28 -19.30
CA PHE E 60 -17.72 26.95 -20.14
C PHE E 60 -17.89 27.53 -21.54
N PRO E 61 -16.84 28.08 -22.13
CA PRO E 61 -16.90 28.42 -23.56
C PRO E 61 -16.82 27.17 -24.46
N ILE E 62 -17.27 27.33 -25.69
CA ILE E 62 -17.26 26.20 -26.62
C ILE E 62 -15.90 25.89 -27.22
N ASP E 63 -14.93 26.79 -27.10
CA ASP E 63 -13.59 26.51 -27.60
C ASP E 63 -12.74 25.81 -26.54
N TYR E 64 -13.31 25.55 -25.36
CA TYR E 64 -12.67 24.90 -24.22
C TYR E 64 -11.80 23.74 -24.64
N PRO E 65 -10.60 23.58 -24.05
CA PRO E 65 -10.07 24.38 -22.94
C PRO E 65 -9.16 25.52 -23.43
N TYR E 66 -9.31 25.92 -24.70
CA TYR E 66 -8.47 26.98 -25.24
C TYR E 66 -8.87 28.36 -24.75
N SER E 67 -9.97 28.45 -24.01
CA SER E 67 -10.41 29.65 -23.36
C SER E 67 -10.94 29.24 -22.00
N PRO E 68 -10.75 30.06 -20.97
CA PRO E 68 -11.04 29.62 -19.62
C PRO E 68 -12.52 29.67 -19.33
N PRO E 69 -12.99 28.85 -18.40
CA PRO E 69 -14.39 28.95 -17.94
C PRO E 69 -14.58 30.07 -16.94
N ALA E 70 -15.78 30.19 -16.38
CA ALA E 70 -16.10 31.20 -15.39
C ALA E 70 -16.77 30.55 -14.20
N PHE E 71 -16.29 30.88 -13.00
CA PHE E 71 -16.76 30.32 -11.74
C PHE E 71 -17.39 31.47 -10.94
N ARG E 72 -18.67 31.33 -10.59
CA ARG E 72 -19.41 32.38 -9.92
C ARG E 72 -20.26 31.76 -8.83
N PHE E 73 -20.07 32.24 -7.60
CA PHE E 73 -20.94 31.84 -6.50
C PHE E 73 -22.33 32.44 -6.70
N LEU E 74 -23.37 31.62 -6.46
CA LEU E 74 -24.73 32.16 -6.38
C LEU E 74 -24.97 32.71 -4.98
N THR E 75 -24.46 32.02 -3.96
CA THR E 75 -24.55 32.51 -2.60
C THR E 75 -23.68 33.75 -2.43
N LYS E 76 -24.17 34.72 -1.64
CA LYS E 76 -23.38 35.92 -1.35
C LYS E 76 -22.25 35.56 -0.38
N MET E 77 -21.04 35.98 -0.71
CA MET E 77 -19.85 35.53 0.01
C MET E 77 -18.97 36.72 0.29
N TRP E 78 -18.46 36.78 1.51
CA TRP E 78 -17.53 37.83 1.93
C TRP E 78 -16.15 37.19 1.96
N HIS E 79 -15.32 37.54 0.99
CA HIS E 79 -14.00 36.94 0.90
C HIS E 79 -13.11 37.90 0.14
N PRO E 80 -11.82 37.99 0.50
CA PRO E 80 -10.94 38.94 -0.21
C PRO E 80 -10.82 38.70 -1.70
N ASN E 81 -11.15 37.48 -2.18
CA ASN E 81 -10.92 37.14 -3.58
C ASN E 81 -12.20 36.72 -4.29
N ILE E 82 -13.37 37.11 -3.78
CA ILE E 82 -14.64 36.91 -4.47
C ILE E 82 -15.26 38.29 -4.71
N TYR E 83 -15.52 38.63 -5.97
CA TYR E 83 -16.13 39.90 -6.29
C TYR E 83 -17.55 39.99 -5.73
N GLU E 84 -18.11 41.20 -5.80
CA GLU E 84 -19.47 41.40 -5.30
C GLU E 84 -20.47 40.69 -6.21
N THR E 85 -20.13 40.52 -7.48
CA THR E 85 -21.00 39.81 -8.41
C THR E 85 -21.03 38.31 -8.14
N GLY E 86 -20.08 37.81 -7.34
CA GLY E 86 -19.86 36.39 -7.17
C GLY E 86 -18.71 35.80 -7.99
N ASP E 87 -18.22 36.52 -9.01
CA ASP E 87 -17.09 36.03 -9.77
C ASP E 87 -15.87 35.89 -8.86
N VAL E 88 -15.13 34.79 -9.05
CA VAL E 88 -13.94 34.49 -8.25
C VAL E 88 -12.72 34.76 -9.11
N CYS E 89 -11.78 35.54 -8.55
CA CYS E 89 -10.53 35.86 -9.23
C CYS E 89 -9.51 34.79 -8.85
N ILE E 90 -9.32 33.82 -9.74
CA ILE E 90 -8.34 32.77 -9.54
C ILE E 90 -7.15 33.05 -10.45
N SER E 91 -5.99 32.49 -10.06
CA SER E 91 -4.82 32.55 -10.93
C SER E 91 -4.96 31.62 -12.13
N ILE E 92 -5.77 30.57 -12.01
CA ILE E 92 -6.04 29.70 -13.15
C ILE E 92 -6.90 30.42 -14.18
N LEU E 93 -7.76 31.34 -13.73
CA LEU E 93 -8.64 32.07 -14.64
C LEU E 93 -8.03 33.40 -15.05
N PRO E 112 -4.63 25.29 -23.79
CA PRO E 112 -4.33 25.21 -22.35
C PRO E 112 -4.58 23.84 -21.71
N THR E 113 -3.71 23.51 -20.75
CA THR E 113 -3.73 22.22 -20.08
C THR E 113 -4.61 22.21 -18.83
N GLN E 114 -5.03 23.37 -18.35
CA GLN E 114 -5.77 23.43 -17.10
C GLN E 114 -7.12 22.74 -17.24
N ASN E 115 -7.54 22.06 -16.17
CA ASN E 115 -8.80 21.35 -16.15
C ASN E 115 -9.69 21.87 -15.02
N VAL E 116 -10.91 21.32 -14.96
CA VAL E 116 -11.88 21.76 -13.95
C VAL E 116 -11.40 21.40 -12.56
N ARG E 117 -10.85 20.19 -12.36
CA ARG E 117 -10.34 19.80 -11.04
C ARG E 117 -9.31 20.80 -10.53
N THR E 118 -8.51 21.39 -11.44
CA THR E 118 -7.55 22.39 -11.01
C THR E 118 -8.24 23.63 -10.46
N ILE E 119 -9.30 24.08 -11.12
CA ILE E 119 -10.07 25.24 -10.65
C ILE E 119 -10.63 24.97 -9.26
N LEU E 120 -11.31 23.82 -9.10
CA LEU E 120 -11.98 23.52 -7.85
C LEU E 120 -10.99 23.45 -6.68
N LEU E 121 -9.87 22.78 -6.89
CA LEU E 121 -8.85 22.72 -5.84
C LEU E 121 -8.29 24.11 -5.56
N SER E 122 -8.08 24.89 -6.63
CA SER E 122 -7.54 26.23 -6.48
C SER E 122 -8.52 27.13 -5.69
N VAL E 123 -9.82 26.91 -5.87
CA VAL E 123 -10.79 27.63 -5.07
C VAL E 123 -10.73 27.17 -3.62
N ILE E 124 -10.52 25.88 -3.40
CA ILE E 124 -10.44 25.37 -2.03
C ILE E 124 -9.27 26.00 -1.32
N SER E 125 -8.12 26.09 -1.99
CA SER E 125 -6.93 26.70 -1.40
C SER E 125 -7.19 28.19 -1.10
N LEU E 126 -7.91 28.86 -1.97
CA LEU E 126 -8.15 30.27 -1.76
C LEU E 126 -9.13 30.52 -0.61
N LEU E 127 -10.09 29.61 -0.39
CA LEU E 127 -10.95 29.75 0.76
C LEU E 127 -10.16 29.52 2.04
N ASN E 128 -9.23 28.59 2.00
CA ASN E 128 -8.37 28.38 3.17
C ASN E 128 -7.48 29.59 3.42
N GLU E 129 -6.90 30.16 2.37
CA GLU E 129 -5.80 31.12 2.47
C GLU E 129 -6.08 32.21 1.43
N PRO E 130 -6.75 33.28 1.83
CA PRO E 130 -7.03 34.36 0.87
C PRO E 130 -5.73 34.95 0.34
N ASN E 131 -5.80 35.42 -0.91
CA ASN E 131 -4.71 36.17 -1.54
C ASN E 131 -4.93 37.66 -1.26
N THR E 132 -4.33 38.14 -0.17
CA THR E 132 -4.46 39.53 0.27
C THR E 132 -3.69 40.50 -0.60
N PHE E 133 -2.81 40.00 -1.48
CA PHE E 133 -1.98 40.87 -2.29
C PHE E 133 -2.70 41.39 -3.51
N SER E 134 -3.59 40.60 -4.10
CA SER E 134 -4.43 41.02 -5.22
C SER E 134 -5.91 40.73 -4.89
N PRO E 135 -6.50 41.60 -4.09
CA PRO E 135 -7.96 41.40 -3.71
C PRO E 135 -8.96 41.87 -4.72
N ALA E 136 -10.08 41.13 -4.79
CA ALA E 136 -11.32 41.57 -5.45
C ALA E 136 -12.16 42.45 -4.54
N ASN E 137 -12.54 41.91 -3.36
CA ASN E 137 -13.19 42.67 -2.31
C ASN E 137 -12.11 43.25 -1.39
N VAL E 138 -11.63 44.44 -1.75
CA VAL E 138 -10.55 45.05 -0.97
C VAL E 138 -10.99 45.30 0.48
N ASP E 139 -12.25 45.70 0.68
CA ASP E 139 -12.74 45.88 2.04
C ASP E 139 -12.73 44.56 2.82
N ALA E 140 -12.94 43.44 2.14
CA ALA E 140 -12.82 42.14 2.80
C ALA E 140 -11.36 41.73 3.02
N SER E 141 -10.45 42.21 2.20
CA SER E 141 -9.04 41.92 2.44
C SER E 141 -8.48 42.77 3.59
N VAL E 142 -8.93 44.04 3.70
CA VAL E 142 -8.54 44.86 4.83
C VAL E 142 -9.08 44.29 6.11
N MET E 143 -10.28 43.70 6.06
CA MET E 143 -10.87 43.14 7.27
C MET E 143 -10.25 41.81 7.65
N TYR E 144 -9.91 40.99 6.64
CA TYR E 144 -9.43 39.64 6.88
C TYR E 144 -8.10 39.64 7.65
N ARG E 145 -7.16 40.50 7.24
CA ARG E 145 -5.88 40.50 7.95
C ARG E 145 -5.97 41.21 9.30
N LYS E 146 -6.82 42.24 9.43
CA LYS E 146 -7.12 42.74 10.77
C LYS E 146 -7.64 41.62 11.65
N TRP E 147 -8.32 40.64 11.07
CA TRP E 147 -8.64 39.41 11.80
C TRP E 147 -7.39 38.54 11.97
N LYS E 148 -6.56 38.42 10.92
CA LYS E 148 -5.39 37.54 11.01
C LYS E 148 -4.37 38.09 12.02
N GLU E 149 -4.13 39.41 12.01
CA GLU E 149 -3.22 40.00 12.99
C GLU E 149 -3.76 39.86 14.41
N SER E 150 -5.07 40.05 14.59
CA SER E 150 -5.66 39.97 15.93
C SER E 150 -5.57 38.58 16.54
N LYS E 151 -5.27 37.55 15.73
CA LYS E 151 -5.28 36.15 16.18
C LYS E 151 -6.66 35.71 16.67
N GLY E 152 -7.71 36.32 16.12
CA GLY E 152 -9.07 36.03 16.49
C GLY E 152 -9.75 37.11 17.30
N LYS E 153 -8.99 38.08 17.83
CA LYS E 153 -9.58 39.11 18.69
C LYS E 153 -10.66 39.90 17.95
N ASP E 154 -10.28 40.63 16.89
CA ASP E 154 -11.26 41.31 16.06
C ASP E 154 -12.14 40.26 15.37
N ARG E 155 -13.45 40.32 15.63
CA ARG E 155 -14.35 39.30 15.12
C ARG E 155 -15.29 39.85 14.06
N GLU E 156 -15.04 41.05 13.55
CA GLU E 156 -15.90 41.58 12.51
C GLU E 156 -15.96 40.63 11.30
N TYR E 157 -14.80 40.12 10.85
CA TYR E 157 -14.75 39.25 9.66
C TYR E 157 -15.45 37.92 9.91
N THR E 158 -15.14 37.27 11.04
CA THR E 158 -15.78 36.00 11.34
C THR E 158 -17.26 36.12 11.67
N ASP E 159 -17.74 37.30 12.09
CA ASP E 159 -19.17 37.47 12.27
C ASP E 159 -19.90 37.48 10.93
N ILE E 160 -19.34 38.20 9.93
CA ILE E 160 -19.95 38.19 8.59
C ILE E 160 -19.98 36.78 8.05
N ILE E 161 -18.85 36.05 8.13
CA ILE E 161 -18.78 34.68 7.61
C ILE E 161 -19.79 33.79 8.29
N ARG E 162 -19.88 33.87 9.64
CA ARG E 162 -20.78 32.97 10.36
C ARG E 162 -22.23 33.33 10.11
N LYS E 163 -22.52 34.60 9.86
CA LYS E 163 -23.92 34.96 9.56
C LYS E 163 -24.32 34.43 8.19
N GLN E 164 -23.42 34.54 7.23
CA GLN E 164 -23.72 34.05 5.89
C GLN E 164 -23.94 32.55 5.93
N VAL E 165 -23.15 31.86 6.76
CA VAL E 165 -23.27 30.40 6.79
C VAL E 165 -24.59 29.99 7.40
N LEU E 166 -25.03 30.69 8.44
CA LEU E 166 -26.30 30.33 9.06
C LEU E 166 -27.47 30.52 8.09
N GLY E 167 -27.41 31.55 7.24
CA GLY E 167 -28.49 31.76 6.30
C GLY E 167 -28.56 30.73 5.20
N THR E 168 -27.45 30.06 4.92
CA THR E 168 -27.47 29.03 3.88
C THR E 168 -28.37 27.84 4.28
N LYS E 169 -28.70 27.71 5.56
CA LYS E 169 -29.63 26.67 5.97
C LYS E 169 -31.02 26.87 5.34
N VAL E 170 -31.38 28.12 5.05
CA VAL E 170 -32.63 28.35 4.34
C VAL E 170 -32.50 27.91 2.90
N ASP E 171 -31.36 28.20 2.29
CA ASP E 171 -31.09 27.69 0.94
C ASP E 171 -31.08 26.16 0.92
N ALA E 172 -30.46 25.54 1.91
CA ALA E 172 -30.44 24.08 1.97
C ALA E 172 -31.83 23.49 2.16
N GLU E 173 -32.67 24.15 3.00
CA GLU E 173 -34.04 23.69 3.21
C GLU E 173 -34.84 23.81 1.93
N ARG E 174 -34.67 24.92 1.20
CA ARG E 174 -35.43 25.12 -0.03
C ARG E 174 -35.05 24.11 -1.11
N ASP E 175 -33.76 23.77 -1.23
CA ASP E 175 -33.32 22.81 -2.23
C ASP E 175 -33.45 21.36 -1.77
N GLY E 176 -33.85 21.10 -0.53
CA GLY E 176 -33.99 19.74 -0.04
C GLY E 176 -32.68 18.98 0.08
N VAL E 177 -31.62 19.65 0.54
CA VAL E 177 -30.30 19.06 0.65
C VAL E 177 -29.97 18.83 2.11
N LYS E 178 -29.59 17.60 2.46
CA LYS E 178 -29.21 17.25 3.82
C LYS E 178 -27.75 17.61 4.05
N VAL E 179 -27.52 18.69 4.80
CA VAL E 179 -26.17 19.17 5.10
C VAL E 179 -25.48 18.19 6.06
N PRO E 180 -24.32 17.62 5.69
CA PRO E 180 -23.64 16.70 6.62
C PRO E 180 -23.00 17.42 7.81
N GLN F 6 2.72 5.10 5.99
CA GLN F 6 2.70 5.30 4.54
C GLN F 6 1.45 6.03 4.00
N ILE F 7 1.62 7.26 3.53
CA ILE F 7 0.52 8.04 2.95
C ILE F 7 0.75 8.20 1.46
N PHE F 8 -0.25 8.78 0.78
CA PHE F 8 -0.20 9.09 -0.64
C PHE F 8 -0.45 10.57 -0.85
N VAL F 9 0.08 11.14 -1.94
CA VAL F 9 -0.05 12.56 -2.24
C VAL F 9 -0.25 12.73 -3.75
N LYS F 10 -1.47 13.04 -4.17
CA LYS F 10 -1.76 13.35 -5.56
C LYS F 10 -1.42 14.81 -5.88
N THR F 11 -1.04 15.07 -7.13
CA THR F 11 -0.66 16.40 -7.58
C THR F 11 -1.63 16.86 -8.64
N LEU F 12 -1.46 18.11 -9.04
CA LEU F 12 -2.31 18.70 -10.06
C LEU F 12 -1.94 18.27 -11.47
N THR F 13 -0.68 17.92 -11.71
CA THR F 13 -0.27 17.41 -13.03
C THR F 13 -0.67 15.96 -13.26
N GLY F 14 -0.84 15.16 -12.20
CA GLY F 14 -1.30 13.80 -12.33
C GLY F 14 -0.52 12.75 -11.54
N LYS F 15 0.72 13.05 -11.18
CA LYS F 15 1.54 12.06 -10.49
C LYS F 15 1.04 11.83 -9.05
N THR F 16 1.17 10.59 -8.59
CA THR F 16 0.84 10.23 -7.21
C THR F 16 2.14 9.91 -6.48
N ILE F 17 2.29 10.49 -5.28
CA ILE F 17 3.55 10.41 -4.54
C ILE F 17 3.32 9.60 -3.27
N THR F 18 3.90 8.40 -3.22
CA THR F 18 3.84 7.58 -2.02
C THR F 18 4.98 7.95 -1.09
N LEU F 19 4.66 8.08 0.20
CA LEU F 19 5.63 8.42 1.22
C LEU F 19 5.53 7.45 2.39
N GLU F 20 6.63 7.25 3.09
CA GLU F 20 6.67 6.46 4.32
C GLU F 20 6.85 7.43 5.47
N VAL F 21 5.82 7.54 6.32
CA VAL F 21 5.81 8.51 7.41
C VAL F 21 5.30 7.83 8.67
N GLU F 22 5.48 8.52 9.80
CA GLU F 22 4.89 8.15 11.06
C GLU F 22 3.77 9.13 11.40
N PRO F 23 2.77 8.69 12.19
CA PRO F 23 1.66 9.61 12.52
C PRO F 23 2.07 10.87 13.27
N SER F 24 3.23 10.88 13.93
CA SER F 24 3.67 12.04 14.70
C SER F 24 4.42 13.08 13.88
N ASP F 25 4.74 12.79 12.62
CA ASP F 25 5.44 13.76 11.78
C ASP F 25 4.71 15.10 11.78
N THR F 26 5.47 16.17 11.99
CA THR F 26 4.90 17.49 11.77
C THR F 26 4.62 17.67 10.28
N ILE F 27 3.63 18.50 9.95
CA ILE F 27 3.30 18.70 8.55
C ILE F 27 4.50 19.24 7.79
N GLU F 28 5.40 19.95 8.47
CA GLU F 28 6.63 20.40 7.82
C GLU F 28 7.47 19.22 7.39
N ASN F 29 7.49 18.15 8.18
CA ASN F 29 8.25 16.97 7.78
C ASN F 29 7.67 16.35 6.52
N VAL F 30 6.34 16.26 6.43
CA VAL F 30 5.73 15.65 5.24
C VAL F 30 6.12 16.43 3.98
N LYS F 31 6.10 17.76 4.07
CA LYS F 31 6.58 18.58 2.95
C LYS F 31 8.03 18.27 2.62
N ALA F 32 8.84 17.97 3.63
CA ALA F 32 10.25 17.66 3.38
C ALA F 32 10.41 16.37 2.62
N LYS F 33 9.62 15.34 2.95
CA LYS F 33 9.62 14.11 2.16
C LYS F 33 9.19 14.35 0.72
N ILE F 34 8.48 15.44 0.46
CA ILE F 34 8.08 15.78 -0.90
C ILE F 34 9.13 16.64 -1.61
N GLN F 35 9.84 17.53 -0.89
CA GLN F 35 11.05 18.11 -1.45
C GLN F 35 12.11 17.04 -1.68
N ASP F 36 12.16 16.03 -0.79
CA ASP F 36 13.13 14.96 -0.95
C ASP F 36 12.87 14.14 -2.20
N LYS F 37 11.60 13.85 -2.50
CA LYS F 37 11.23 12.97 -3.60
C LYS F 37 10.89 13.72 -4.88
N GLU F 38 10.25 14.89 -4.80
CA GLU F 38 9.87 15.65 -5.98
C GLU F 38 10.51 17.05 -6.05
N GLY F 39 11.34 17.42 -5.07
CA GLY F 39 12.07 18.66 -5.15
C GLY F 39 11.21 19.88 -5.17
N ILE F 40 10.03 19.83 -4.54
CA ILE F 40 9.15 20.96 -4.46
C ILE F 40 9.46 21.70 -3.17
N PRO F 41 9.78 23.00 -3.22
CA PRO F 41 10.16 23.73 -1.99
C PRO F 41 9.06 23.69 -0.95
N PRO F 42 9.41 23.42 0.30
CA PRO F 42 8.37 23.27 1.33
C PRO F 42 7.57 24.55 1.64
N ASP F 43 8.18 25.73 1.51
CA ASP F 43 7.47 26.96 1.82
C ASP F 43 6.29 27.18 0.87
N GLN F 44 6.36 26.62 -0.34
CA GLN F 44 5.31 26.83 -1.33
C GLN F 44 4.37 25.64 -1.51
N GLN F 45 4.55 24.56 -0.76
CA GLN F 45 3.59 23.46 -0.83
C GLN F 45 2.33 23.78 -0.03
N ARG F 46 1.22 23.16 -0.41
CA ARG F 46 0.00 23.21 0.41
C ARG F 46 -0.72 21.87 0.27
N LEU F 47 -0.72 21.07 1.33
CA LEU F 47 -1.48 19.85 1.31
C LEU F 47 -2.92 20.12 1.68
N ILE F 48 -3.85 19.47 0.97
CA ILE F 48 -5.26 19.67 1.21
C ILE F 48 -5.91 18.32 1.47
N PHE F 49 -6.58 18.20 2.62
CA PHE F 49 -7.29 16.99 3.02
C PHE F 49 -8.61 17.39 3.65
N ALA F 50 -9.72 16.85 3.12
CA ALA F 50 -11.08 17.15 3.61
C ALA F 50 -11.38 18.64 3.49
N GLY F 51 -11.03 19.23 2.36
CA GLY F 51 -11.25 20.63 2.13
C GLY F 51 -10.44 21.56 3.01
N LYS F 52 -9.53 21.02 3.83
CA LYS F 52 -8.74 21.81 4.75
C LYS F 52 -7.26 21.77 4.35
N GLN F 53 -6.66 22.95 4.20
CA GLN F 53 -5.27 23.13 3.86
C GLN F 53 -4.42 22.95 5.12
N LEU F 54 -3.57 21.91 5.13
CA LEU F 54 -2.84 21.54 6.34
C LEU F 54 -1.72 22.55 6.62
N GLU F 55 -1.68 23.03 7.86
CA GLU F 55 -0.74 24.05 8.31
C GLU F 55 0.46 23.40 8.98
N ASP F 56 1.54 24.17 9.08
CA ASP F 56 2.77 23.67 9.69
C ASP F 56 2.66 23.71 11.21
N GLY F 57 3.49 22.88 11.85
CA GLY F 57 3.56 22.83 13.29
C GLY F 57 2.63 21.84 13.95
N ARG F 58 1.66 21.30 13.22
CA ARG F 58 0.73 20.29 13.71
C ARG F 58 1.16 18.91 13.19
N THR F 59 0.35 17.89 13.45
CA THR F 59 0.72 16.53 13.10
C THR F 59 -0.34 15.88 12.23
N LEU F 60 0.07 14.78 11.59
CA LEU F 60 -0.86 13.99 10.79
C LEU F 60 -1.94 13.41 11.67
N SER F 61 -1.57 12.98 12.88
CA SER F 61 -2.56 12.49 13.84
C SER F 61 -3.58 13.57 14.20
N ASP F 62 -3.14 14.82 14.31
CA ASP F 62 -4.04 15.92 14.67
C ASP F 62 -5.16 16.10 13.63
N TYR F 63 -4.86 15.86 12.36
CA TYR F 63 -5.84 15.99 11.28
C TYR F 63 -6.54 14.68 10.96
N ASN F 64 -6.40 13.68 11.83
CA ASN F 64 -7.01 12.37 11.63
C ASN F 64 -6.55 11.76 10.30
N ILE F 65 -5.24 11.77 10.09
CA ILE F 65 -4.64 11.21 8.89
C ILE F 65 -4.12 9.84 9.25
N GLN F 66 -4.69 8.81 8.63
CA GLN F 66 -4.35 7.41 8.90
C GLN F 66 -3.53 6.87 7.74
N LYS F 67 -3.22 5.57 7.80
CA LYS F 67 -2.52 4.90 6.71
C LYS F 67 -3.41 4.81 5.48
N GLU F 68 -2.77 4.77 4.29
CA GLU F 68 -3.47 4.72 3.01
C GLU F 68 -4.32 5.96 2.76
N SER F 69 -3.88 7.12 3.25
CA SER F 69 -4.57 8.38 3.03
C SER F 69 -4.10 9.03 1.74
N THR F 70 -4.99 9.83 1.14
CA THR F 70 -4.69 10.55 -0.09
C THR F 70 -4.73 12.05 0.19
N LEU F 71 -3.61 12.72 -0.07
CA LEU F 71 -3.52 14.15 0.04
C LEU F 71 -3.48 14.77 -1.36
N HIS F 72 -3.81 16.06 -1.43
CA HIS F 72 -3.89 16.78 -2.69
C HIS F 72 -3.01 18.02 -2.60
N LEU F 73 -1.99 18.09 -3.45
CA LEU F 73 -0.95 19.10 -3.36
C LEU F 73 -1.31 20.28 -4.24
N VAL F 74 -1.23 21.47 -3.66
CA VAL F 74 -1.46 22.72 -4.37
C VAL F 74 -0.32 23.64 -3.95
N LEU F 75 0.13 24.48 -4.88
CA LEU F 75 1.29 25.34 -4.66
C LEU F 75 0.86 26.79 -4.54
N ARG F 76 1.43 27.49 -3.57
CA ARG F 76 1.07 28.89 -3.34
C ARG F 76 2.32 29.74 -3.11
N PRO G 3 -40.85 -10.80 32.42
CA PRO G 3 -39.69 -10.49 33.27
C PRO G 3 -39.11 -9.10 33.01
N SER G 4 -38.59 -8.49 34.08
CA SER G 4 -37.97 -7.17 33.96
C SER G 4 -36.58 -7.24 33.39
N SER G 5 -35.88 -8.38 33.54
CA SER G 5 -34.58 -8.53 32.89
C SER G 5 -34.72 -8.49 31.37
N GLN G 6 -35.77 -9.12 30.82
CA GLN G 6 -36.00 -9.09 29.38
C GLN G 6 -36.19 -7.67 28.88
N LYS G 7 -37.11 -6.94 29.52
CA LYS G 7 -37.38 -5.57 29.10
C LYS G 7 -36.18 -4.66 29.35
N ALA G 8 -35.42 -4.90 30.41
CA ALA G 8 -34.25 -4.06 30.66
C ALA G 8 -33.19 -4.28 29.59
N LEU G 9 -32.97 -5.53 29.21
CA LEU G 9 -31.93 -5.82 28.22
C LEU G 9 -32.39 -5.45 26.81
N LEU G 10 -33.68 -5.58 26.54
CA LEU G 10 -34.20 -5.23 25.22
C LEU G 10 -34.08 -3.72 24.97
N LEU G 11 -34.49 -2.90 25.95
CA LEU G 11 -34.41 -1.47 25.78
C LEU G 11 -32.96 -1.02 25.64
N GLU G 12 -32.08 -1.61 26.46
CA GLU G 12 -30.68 -1.22 26.40
C GLU G 12 -30.05 -1.58 25.07
N LEU G 13 -30.46 -2.71 24.49
CA LEU G 13 -29.97 -3.10 23.17
C LEU G 13 -30.36 -2.07 22.12
N LYS G 14 -31.66 -1.74 22.05
CA LYS G 14 -32.12 -0.79 21.04
C LYS G 14 -31.47 0.57 21.25
N GLY G 15 -31.28 0.98 22.51
CA GLY G 15 -30.61 2.23 22.79
C GLY G 15 -29.15 2.22 22.34
N LEU G 16 -28.47 1.10 22.53
CA LEU G 16 -27.07 1.01 22.11
C LEU G 16 -26.93 0.71 20.63
N GLN G 17 -28.00 0.33 19.95
CA GLN G 17 -27.99 0.16 18.50
C GLN G 17 -28.37 1.46 17.79
N GLU G 18 -29.29 2.23 18.38
CA GLU G 18 -29.64 3.51 17.77
C GLU G 18 -28.58 4.57 18.03
N GLU G 19 -27.92 4.53 19.20
CA GLU G 19 -26.86 5.47 19.56
C GLU G 19 -25.65 4.67 20.06
N PRO G 20 -24.91 4.04 19.15
CA PRO G 20 -23.82 3.15 19.58
C PRO G 20 -22.70 3.87 20.31
N VAL G 21 -22.11 3.17 21.26
CA VAL G 21 -20.80 3.55 21.78
C VAL G 21 -19.77 3.38 20.67
N GLU G 22 -19.06 4.46 20.34
CA GLU G 22 -18.16 4.47 19.19
C GLU G 22 -17.11 3.37 19.31
N GLY G 23 -16.89 2.64 18.21
CA GLY G 23 -15.98 1.52 18.22
C GLY G 23 -16.53 0.23 18.81
N PHE G 24 -17.80 0.20 19.22
CA PHE G 24 -18.43 -0.98 19.80
C PHE G 24 -19.73 -1.27 19.03
N ARG G 25 -19.96 -2.53 18.66
CA ARG G 25 -21.15 -2.96 17.94
C ARG G 25 -21.73 -4.16 18.68
N VAL G 26 -23.00 -4.10 19.05
CA VAL G 26 -23.60 -5.10 19.93
C VAL G 26 -24.69 -5.82 19.16
N THR G 27 -24.62 -7.15 19.14
CA THR G 27 -25.61 -8.03 18.54
C THR G 27 -25.83 -9.21 19.49
N LEU G 28 -26.86 -9.99 19.21
CA LEU G 28 -27.13 -11.19 19.99
C LEU G 28 -26.33 -12.41 19.51
N VAL G 29 -25.83 -13.18 20.47
CA VAL G 29 -25.14 -14.42 20.12
C VAL G 29 -26.08 -15.30 19.33
N ASP G 30 -27.30 -15.49 19.84
CA ASP G 30 -28.40 -16.15 19.15
C ASP G 30 -29.65 -15.28 19.29
N GLU G 31 -30.33 -15.04 18.18
CA GLU G 31 -31.55 -14.25 18.24
C GLU G 31 -32.57 -14.97 19.12
N GLY G 32 -33.16 -14.22 20.06
CA GLY G 32 -34.11 -14.74 21.02
C GLY G 32 -33.56 -14.87 22.43
N ASP G 33 -32.23 -14.82 22.59
CA ASP G 33 -31.58 -14.84 23.90
C ASP G 33 -30.96 -13.46 24.16
N LEU G 34 -31.63 -12.65 24.99
CA LEU G 34 -31.16 -11.32 25.33
C LEU G 34 -30.15 -11.33 26.47
N TYR G 35 -29.76 -12.52 26.93
CA TYR G 35 -28.84 -12.69 28.04
C TYR G 35 -27.45 -13.14 27.56
N ASN G 36 -27.15 -12.93 26.27
CA ASN G 36 -25.85 -13.32 25.73
C ASN G 36 -25.61 -12.46 24.49
N TRP G 37 -24.64 -11.56 24.56
CA TRP G 37 -24.41 -10.57 23.50
C TRP G 37 -23.05 -10.77 22.84
N GLU G 38 -23.00 -10.56 21.53
CA GLU G 38 -21.76 -10.45 20.79
C GLU G 38 -21.34 -8.98 20.74
N VAL G 39 -20.09 -8.71 21.11
CA VAL G 39 -19.56 -7.36 21.09
C VAL G 39 -18.37 -7.31 20.12
N ALA G 40 -18.51 -6.50 19.08
CA ALA G 40 -17.44 -6.30 18.10
C ALA G 40 -16.75 -4.96 18.40
N ILE G 41 -15.47 -5.03 18.81
CA ILE G 41 -14.68 -3.84 19.11
C ILE G 41 -13.84 -3.51 17.89
N PHE G 42 -13.72 -2.22 17.58
CA PHE G 42 -12.87 -1.77 16.49
C PHE G 42 -11.81 -0.82 17.02
N GLY G 43 -10.55 -1.12 16.73
CA GLY G 43 -9.45 -0.29 17.17
C GLY G 43 -9.55 1.11 16.59
N PRO G 44 -9.50 2.12 17.45
CA PRO G 44 -9.75 3.50 17.02
C PRO G 44 -8.55 4.04 16.27
N PRO G 45 -8.74 5.09 15.47
CA PRO G 45 -7.60 5.67 14.71
C PRO G 45 -6.49 6.21 15.61
N ASN G 46 -5.27 6.19 15.05
CA ASN G 46 -4.06 6.70 15.68
C ASN G 46 -3.79 6.08 17.04
N THR G 47 -3.95 4.75 17.11
CA THR G 47 -3.60 3.96 18.29
C THR G 47 -2.81 2.74 17.85
N TYR G 48 -2.26 2.04 18.84
CA TYR G 48 -1.59 0.79 18.55
C TYR G 48 -2.58 -0.32 18.26
N TYR G 49 -3.85 -0.12 18.58
CA TYR G 49 -4.90 -1.05 18.21
C TYR G 49 -5.51 -0.68 16.88
N GLU G 50 -4.87 0.25 16.17
CA GLU G 50 -5.31 0.67 14.85
C GLU G 50 -5.66 -0.48 13.91
N GLY G 51 -6.83 -0.38 13.30
CA GLY G 51 -7.24 -1.36 12.33
C GLY G 51 -7.66 -2.69 12.90
N GLY G 52 -7.61 -2.88 14.21
CA GLY G 52 -7.98 -4.16 14.78
C GLY G 52 -9.48 -4.43 14.75
N TYR G 53 -9.80 -5.71 14.96
CA TYR G 53 -11.16 -6.23 14.93
C TYR G 53 -11.20 -7.25 16.05
N PHE G 54 -11.66 -6.82 17.21
CA PHE G 54 -11.65 -7.66 18.39
C PHE G 54 -13.07 -8.09 18.70
N LYS G 55 -13.19 -9.27 19.26
CA LYS G 55 -14.50 -9.86 19.54
C LYS G 55 -14.59 -10.16 21.02
N ALA G 56 -15.81 -10.08 21.55
CA ALA G 56 -16.04 -10.27 22.99
C ALA G 56 -17.49 -10.67 23.19
N ARG G 57 -17.84 -11.01 24.44
CA ARG G 57 -19.17 -11.52 24.75
C ARG G 57 -19.60 -11.03 26.13
N LEU G 58 -20.85 -10.64 26.21
CA LEU G 58 -21.46 -10.29 27.47
C LEU G 58 -22.46 -11.36 27.82
N LYS G 59 -22.31 -11.94 29.01
CA LYS G 59 -23.31 -12.83 29.59
C LYS G 59 -24.02 -12.09 30.74
N PHE G 60 -25.33 -11.86 30.59
CA PHE G 60 -26.07 -11.17 31.65
C PHE G 60 -26.75 -12.15 32.60
N PRO G 61 -26.78 -11.82 33.89
CA PRO G 61 -27.57 -12.62 34.82
C PRO G 61 -29.06 -12.38 34.60
N ILE G 62 -29.87 -13.34 35.05
CA ILE G 62 -31.31 -13.09 35.01
C ILE G 62 -31.79 -12.10 36.07
N ASP G 63 -30.95 -11.76 37.07
CA ASP G 63 -31.26 -10.68 37.99
C ASP G 63 -31.21 -9.31 37.33
N TYR G 64 -30.62 -9.23 36.13
CA TYR G 64 -30.18 -7.95 35.56
C TYR G 64 -31.32 -6.93 35.60
N PRO G 65 -31.05 -5.68 36.02
CA PRO G 65 -29.72 -5.16 36.31
C PRO G 65 -29.27 -5.24 37.78
N TYR G 66 -29.84 -6.19 38.54
CA TYR G 66 -29.55 -6.26 39.97
C TYR G 66 -28.31 -7.05 40.31
N SER G 67 -27.63 -7.59 39.30
CA SER G 67 -26.34 -8.27 39.41
C SER G 67 -25.55 -7.97 38.14
N PRO G 68 -24.21 -7.93 38.22
CA PRO G 68 -23.42 -7.48 37.06
C PRO G 68 -23.31 -8.57 36.01
N PRO G 69 -23.13 -8.19 34.73
CA PRO G 69 -22.80 -9.20 33.70
C PRO G 69 -21.32 -9.48 33.63
N ALA G 70 -20.91 -10.31 32.68
CA ALA G 70 -19.53 -10.74 32.53
C ALA G 70 -19.04 -10.39 31.13
N PHE G 71 -17.85 -9.78 31.05
CA PHE G 71 -17.23 -9.42 29.79
C PHE G 71 -16.03 -10.34 29.52
N ARG G 72 -16.02 -10.98 28.35
CA ARG G 72 -14.99 -11.95 28.00
C ARG G 72 -14.56 -11.71 26.57
N PHE G 73 -13.28 -11.39 26.37
CA PHE G 73 -12.75 -11.23 25.02
C PHE G 73 -12.65 -12.60 24.37
N LEU G 74 -13.14 -12.74 23.13
CA LEU G 74 -12.88 -13.96 22.40
C LEU G 74 -11.51 -13.88 21.73
N THR G 75 -11.20 -12.71 21.17
CA THR G 75 -9.87 -12.50 20.62
C THR G 75 -8.83 -12.52 21.74
N LYS G 76 -7.66 -13.13 21.47
CA LYS G 76 -6.61 -13.19 22.48
C LYS G 76 -6.03 -11.79 22.69
N MET G 77 -5.90 -11.38 23.95
CA MET G 77 -5.47 -10.04 24.30
C MET G 77 -4.28 -10.11 25.25
N TRP G 78 -3.28 -9.26 25.01
CA TRP G 78 -2.16 -9.08 25.93
C TRP G 78 -2.30 -7.72 26.58
N HIS G 79 -2.81 -7.71 27.84
CA HIS G 79 -3.15 -6.47 28.55
C HIS G 79 -3.07 -6.71 30.04
N PRO G 80 -2.58 -5.75 30.83
CA PRO G 80 -2.40 -6.02 32.26
C PRO G 80 -3.69 -6.35 32.98
N ASN G 81 -4.86 -6.05 32.40
CA ASN G 81 -6.13 -6.25 33.08
C ASN G 81 -7.06 -7.19 32.34
N ILE G 82 -6.54 -8.01 31.44
CA ILE G 82 -7.29 -9.06 30.75
C ILE G 82 -6.67 -10.40 31.12
N TYR G 83 -7.46 -11.27 31.75
CA TYR G 83 -6.95 -12.58 32.12
C TYR G 83 -6.62 -13.41 30.86
N GLU G 84 -5.89 -14.51 31.06
CA GLU G 84 -5.58 -15.42 29.96
C GLU G 84 -6.85 -16.04 29.38
N THR G 85 -7.88 -16.15 30.22
CA THR G 85 -9.19 -16.61 29.82
C THR G 85 -9.92 -15.63 28.92
N GLY G 86 -9.57 -14.35 28.96
CA GLY G 86 -10.32 -13.33 28.26
C GLY G 86 -11.16 -12.44 29.15
N ASP G 87 -11.57 -12.91 30.34
CA ASP G 87 -12.35 -12.07 31.27
C ASP G 87 -11.55 -10.84 31.65
N VAL G 88 -12.23 -9.70 31.73
CA VAL G 88 -11.61 -8.44 32.10
C VAL G 88 -12.07 -8.11 33.50
N CYS G 89 -11.14 -7.70 34.37
CA CYS G 89 -11.44 -7.34 35.76
C CYS G 89 -11.90 -5.87 35.80
N ILE G 90 -13.20 -5.66 35.81
CA ILE G 90 -13.74 -4.31 35.85
C ILE G 90 -14.15 -3.92 37.27
N ASN G 111 -26.09 -2.90 41.98
CA ASN G 111 -26.06 -1.61 41.28
C ASN G 111 -27.13 -1.55 40.19
N PRO G 112 -28.37 -1.28 40.57
CA PRO G 112 -29.43 -1.12 39.55
C PRO G 112 -29.18 0.03 38.57
N THR G 113 -28.41 1.06 38.97
CA THR G 113 -28.11 2.19 38.10
C THR G 113 -27.10 1.83 37.00
N GLN G 114 -26.38 0.73 37.13
CA GLN G 114 -25.42 0.33 36.10
C GLN G 114 -26.14 -0.05 34.80
N ASN G 115 -25.48 0.25 33.69
CA ASN G 115 -25.99 -0.14 32.38
C ASN G 115 -24.84 -0.70 31.56
N VAL G 116 -25.17 -1.25 30.39
CA VAL G 116 -24.12 -1.76 29.52
C VAL G 116 -23.27 -0.60 29.01
N ARG G 117 -23.87 0.56 28.80
CA ARG G 117 -23.10 1.72 28.33
C ARG G 117 -22.00 2.08 29.32
N THR G 118 -22.22 1.83 30.61
CA THR G 118 -21.14 2.06 31.55
C THR G 118 -20.04 1.02 31.37
N ILE G 119 -20.43 -0.22 31.19
CA ILE G 119 -19.45 -1.29 31.05
C ILE G 119 -18.57 -1.06 29.84
N LEU G 120 -19.19 -0.70 28.72
CA LEU G 120 -18.42 -0.49 27.50
C LEU G 120 -17.47 0.67 27.66
N LEU G 121 -17.94 1.78 28.24
CA LEU G 121 -17.05 2.92 28.49
C LEU G 121 -15.96 2.55 29.50
N SER G 122 -16.26 1.72 30.49
CA SER G 122 -15.24 1.24 31.41
C SER G 122 -14.20 0.38 30.69
N VAL G 123 -14.62 -0.40 29.68
CA VAL G 123 -13.65 -1.22 28.95
C VAL G 123 -12.71 -0.32 28.13
N ILE G 124 -13.26 0.68 27.45
CA ILE G 124 -12.43 1.60 26.68
C ILE G 124 -11.43 2.29 27.58
N SER G 125 -11.86 2.73 28.76
CA SER G 125 -10.96 3.44 29.67
C SER G 125 -9.85 2.51 30.15
N LEU G 126 -10.18 1.24 30.40
CA LEU G 126 -9.18 0.29 30.87
C LEU G 126 -8.20 -0.11 29.76
N LEU G 127 -8.67 -0.18 28.51
CA LEU G 127 -7.78 -0.38 27.39
C LEU G 127 -6.83 0.81 27.23
N ASN G 128 -7.34 2.03 27.42
CA ASN G 128 -6.47 3.20 27.31
C ASN G 128 -5.43 3.24 28.42
N GLU G 129 -5.87 2.98 29.65
CA GLU G 129 -5.01 3.11 30.83
C GLU G 129 -5.16 1.83 31.62
N PRO G 130 -4.17 0.96 31.59
CA PRO G 130 -4.25 -0.25 32.42
C PRO G 130 -4.12 0.11 33.89
N ASN G 131 -4.77 -0.70 34.73
CA ASN G 131 -4.64 -0.61 36.18
C ASN G 131 -3.54 -1.58 36.63
N THR G 132 -2.30 -1.09 36.59
CA THR G 132 -1.12 -1.88 36.92
C THR G 132 -0.94 -2.09 38.43
N PHE G 133 -1.87 -1.59 39.26
CA PHE G 133 -1.80 -1.82 40.69
C PHE G 133 -2.50 -3.09 41.12
N SER G 134 -3.53 -3.51 40.38
CA SER G 134 -4.21 -4.78 40.62
C SER G 134 -4.24 -5.57 39.31
N PRO G 135 -3.08 -6.07 38.85
CA PRO G 135 -3.00 -6.67 37.50
C PRO G 135 -3.60 -8.07 37.48
N ALA G 136 -4.43 -8.32 36.47
CA ALA G 136 -4.93 -9.66 36.18
C ALA G 136 -3.87 -10.52 35.50
N ASN G 137 -3.24 -9.98 34.46
CA ASN G 137 -2.08 -10.60 33.83
C ASN G 137 -0.86 -9.87 34.37
N VAL G 138 -0.13 -10.52 35.29
CA VAL G 138 0.99 -9.86 35.95
C VAL G 138 2.11 -9.56 34.96
N ASP G 139 2.42 -10.47 34.03
CA ASP G 139 3.56 -10.28 33.15
C ASP G 139 3.38 -9.07 32.22
N ALA G 140 2.16 -8.86 31.69
CA ALA G 140 1.92 -7.70 30.85
C ALA G 140 2.01 -6.40 31.65
N SER G 141 1.62 -6.42 32.93
CA SER G 141 1.74 -5.23 33.77
C SER G 141 3.19 -4.76 33.86
N VAL G 142 4.13 -5.69 34.04
CA VAL G 142 5.55 -5.33 34.09
C VAL G 142 6.00 -4.74 32.75
N MET G 143 5.54 -5.33 31.65
CA MET G 143 5.96 -4.86 30.34
C MET G 143 5.39 -3.49 30.00
N TYR G 144 4.11 -3.24 30.31
CA TYR G 144 3.53 -1.92 30.10
C TYR G 144 4.30 -0.89 30.90
N ARG G 145 4.57 -1.20 32.17
CA ARG G 145 5.33 -0.27 32.97
C ARG G 145 6.68 0.01 32.33
N LYS G 146 7.35 -1.05 31.86
CA LYS G 146 8.65 -0.93 31.21
C LYS G 146 8.55 -0.06 29.96
N TRP G 147 7.53 -0.31 29.13
CA TRP G 147 7.31 0.53 27.95
C TRP G 147 7.07 1.99 28.33
N LYS G 148 6.12 2.22 29.24
CA LYS G 148 5.80 3.57 29.64
C LYS G 148 7.04 4.27 30.21
N GLU G 149 7.81 3.56 31.04
CA GLU G 149 9.00 4.16 31.65
C GLU G 149 10.00 4.56 30.58
N SER G 150 10.17 3.72 29.56
CA SER G 150 11.12 4.00 28.49
C SER G 150 10.77 5.23 27.68
N LYS G 151 9.56 5.78 27.87
CA LYS G 151 9.01 6.80 26.98
C LYS G 151 8.92 6.29 25.54
N GLY G 152 8.65 4.99 25.40
CA GLY G 152 8.45 4.36 24.12
C GLY G 152 9.61 3.52 23.63
N LYS G 153 10.78 3.61 24.28
CA LYS G 153 11.99 2.96 23.77
C LYS G 153 11.83 1.44 23.71
N ASP G 154 11.67 0.79 24.87
CA ASP G 154 11.42 -0.64 24.91
C ASP G 154 10.12 -0.91 24.17
N ARG G 155 10.20 -1.55 23.00
CA ARG G 155 9.05 -1.74 22.13
C ARG G 155 8.51 -3.17 22.20
N GLU G 156 8.89 -3.95 23.22
CA GLU G 156 8.38 -5.31 23.34
C GLU G 156 6.87 -5.33 23.51
N TYR G 157 6.33 -4.46 24.37
CA TYR G 157 4.88 -4.43 24.61
C TYR G 157 4.13 -4.03 23.34
N THR G 158 4.57 -2.96 22.70
CA THR G 158 3.89 -2.50 21.50
C THR G 158 4.09 -3.49 20.33
N ASP G 159 5.11 -4.33 20.37
CA ASP G 159 5.23 -5.35 19.34
C ASP G 159 4.16 -6.44 19.52
N ILE G 160 3.93 -6.87 20.76
CA ILE G 160 2.93 -7.91 20.98
C ILE G 160 1.57 -7.37 20.58
N ILE G 161 1.28 -6.13 20.94
CA ILE G 161 -0.02 -5.55 20.60
C ILE G 161 -0.15 -5.44 19.10
N ARG G 162 0.87 -4.86 18.44
CA ARG G 162 0.75 -4.61 17.01
C ARG G 162 0.67 -5.93 16.25
N LYS G 163 1.32 -6.97 16.75
CA LYS G 163 1.21 -8.25 16.08
C LYS G 163 -0.19 -8.84 16.25
N GLN G 164 -0.76 -8.69 17.45
CA GLN G 164 -2.12 -9.16 17.69
C GLN G 164 -3.13 -8.43 16.82
N VAL G 165 -2.91 -7.13 16.62
CA VAL G 165 -3.83 -6.35 15.79
C VAL G 165 -3.73 -6.79 14.33
N LEU G 166 -2.53 -7.13 13.87
CA LEU G 166 -2.39 -7.54 12.48
C LEU G 166 -3.13 -8.85 12.22
N GLY G 167 -3.09 -9.77 13.21
CA GLY G 167 -3.76 -11.05 13.09
C GLY G 167 -5.28 -10.97 13.13
N THR G 168 -5.83 -9.88 13.65
CA THR G 168 -7.29 -9.73 13.65
C THR G 168 -7.83 -9.58 12.23
N LYS G 169 -6.95 -9.26 11.26
CA LYS G 169 -7.40 -9.13 9.89
C LYS G 169 -7.91 -10.46 9.35
N VAL G 170 -7.32 -11.56 9.83
CA VAL G 170 -7.83 -12.90 9.50
C VAL G 170 -9.18 -13.14 10.15
N ASP G 171 -9.35 -12.70 11.40
CA ASP G 171 -10.65 -12.76 12.07
C ASP G 171 -11.70 -11.95 11.32
N ALA G 172 -11.33 -10.75 10.86
CA ALA G 172 -12.32 -9.91 10.20
C ALA G 172 -12.68 -10.44 8.83
N GLU G 173 -11.72 -11.04 8.12
CA GLU G 173 -12.02 -11.65 6.83
C GLU G 173 -13.02 -12.80 6.99
N ARG G 174 -12.75 -13.68 7.96
CA ARG G 174 -13.60 -14.84 8.17
C ARG G 174 -15.01 -14.45 8.53
N ASP G 175 -15.15 -13.46 9.42
CA ASP G 175 -16.48 -12.98 9.81
C ASP G 175 -17.10 -12.06 8.77
N GLY G 176 -16.35 -11.69 7.73
CA GLY G 176 -16.88 -10.85 6.68
C GLY G 176 -17.11 -9.41 7.08
N VAL G 177 -16.20 -8.84 7.85
CA VAL G 177 -16.33 -7.51 8.37
C VAL G 177 -15.33 -6.60 7.66
N LYS G 178 -15.82 -5.47 7.14
CA LYS G 178 -14.95 -4.41 6.62
C LYS G 178 -14.59 -3.48 7.76
N VAL G 179 -13.36 -3.58 8.25
CA VAL G 179 -12.90 -2.71 9.32
C VAL G 179 -12.86 -1.29 8.76
N PRO G 180 -13.56 -0.32 9.39
CA PRO G 180 -13.70 1.02 8.82
C PRO G 180 -12.39 1.80 8.94
N MET H 5 -17.22 28.14 21.18
CA MET H 5 -18.02 26.95 20.90
C MET H 5 -18.59 26.42 22.22
N GLN H 6 -19.71 25.71 22.16
CA GLN H 6 -20.22 25.09 23.38
C GLN H 6 -20.31 23.59 23.18
N ILE H 7 -19.52 22.86 23.97
CA ILE H 7 -19.39 21.42 23.87
C ILE H 7 -20.28 20.77 24.93
N PHE H 8 -20.43 19.46 24.86
CA PHE H 8 -21.18 18.70 25.84
C PHE H 8 -20.28 17.63 26.46
N VAL H 9 -20.54 17.30 27.73
CA VAL H 9 -19.81 16.27 28.46
C VAL H 9 -20.85 15.43 29.18
N LYS H 10 -21.12 14.23 28.68
CA LYS H 10 -22.10 13.33 29.28
C LYS H 10 -21.47 12.51 30.40
N THR H 11 -22.20 12.36 31.49
CA THR H 11 -21.73 11.52 32.59
C THR H 11 -22.35 10.14 32.49
N LEU H 12 -21.84 9.22 33.31
CA LEU H 12 -22.33 7.84 33.26
C LEU H 12 -23.81 7.77 33.61
N THR H 13 -24.28 8.64 34.53
CA THR H 13 -25.71 8.69 34.86
C THR H 13 -26.54 9.04 33.63
N GLY H 14 -26.11 10.04 32.87
CA GLY H 14 -26.82 10.51 31.70
C GLY H 14 -26.89 12.03 31.59
N LYS H 15 -26.47 12.72 32.65
CA LYS H 15 -26.50 14.17 32.68
C LYS H 15 -25.50 14.76 31.68
N THR H 16 -25.98 15.66 30.83
CA THR H 16 -25.12 16.40 29.90
C THR H 16 -24.69 17.72 30.53
N ILE H 17 -23.38 17.96 30.55
CA ILE H 17 -22.83 19.19 31.09
C ILE H 17 -22.46 20.11 29.92
N THR H 18 -23.21 21.19 29.75
CA THR H 18 -22.95 22.12 28.66
C THR H 18 -21.87 23.11 29.09
N LEU H 19 -20.83 23.22 28.27
CA LEU H 19 -19.63 23.99 28.61
C LEU H 19 -19.26 24.90 27.45
N GLU H 20 -18.99 26.16 27.76
CA GLU H 20 -18.54 27.13 26.78
C GLU H 20 -17.01 27.16 26.81
N VAL H 21 -16.38 26.61 25.77
CA VAL H 21 -14.93 26.55 25.67
C VAL H 21 -14.52 27.07 24.29
N GLU H 22 -13.23 27.33 24.15
CA GLU H 22 -12.66 27.66 22.86
C GLU H 22 -11.76 26.52 22.38
N PRO H 23 -11.50 26.43 21.07
CA PRO H 23 -10.60 25.37 20.58
C PRO H 23 -9.20 25.43 21.19
N SER H 24 -8.81 26.57 21.75
CA SER H 24 -7.52 26.70 22.42
C SER H 24 -7.54 26.18 23.86
N ASP H 25 -8.71 25.94 24.43
CA ASP H 25 -8.78 25.37 25.77
C ASP H 25 -8.13 23.99 25.79
N THR H 26 -7.18 23.82 26.70
CA THR H 26 -6.52 22.53 26.90
C THR H 26 -7.46 21.59 27.66
N ILE H 27 -7.28 20.28 27.41
CA ILE H 27 -8.12 19.25 28.05
C ILE H 27 -8.06 19.38 29.56
N GLU H 28 -6.88 19.70 30.11
CA GLU H 28 -6.75 19.88 31.55
C GLU H 28 -7.57 21.07 32.05
N ASN H 29 -7.82 22.06 31.18
CA ASN H 29 -8.70 23.18 31.52
C ASN H 29 -10.17 22.86 31.30
N VAL H 30 -10.49 22.04 30.28
CA VAL H 30 -11.87 21.63 30.07
C VAL H 30 -12.42 20.96 31.31
N LYS H 31 -11.56 20.27 32.06
CA LYS H 31 -11.96 19.56 33.26
C LYS H 31 -11.85 20.40 34.53
N ALA H 32 -11.15 21.53 34.49
CA ALA H 32 -11.25 22.47 35.60
C ALA H 32 -12.66 23.03 35.71
N LYS H 33 -13.31 23.26 34.56
CA LYS H 33 -14.69 23.72 34.54
C LYS H 33 -15.65 22.67 35.12
N ILE H 34 -15.37 21.39 34.86
CA ILE H 34 -16.18 20.31 35.45
C ILE H 34 -16.08 20.33 36.97
N GLN H 35 -14.85 20.50 37.49
CA GLN H 35 -14.67 20.65 38.94
C GLN H 35 -15.44 21.84 39.47
N ASP H 36 -15.45 22.95 38.72
CA ASP H 36 -16.19 24.14 39.14
C ASP H 36 -17.67 23.86 39.22
N LYS H 37 -18.21 23.11 38.26
CA LYS H 37 -19.64 22.89 38.18
C LYS H 37 -20.09 21.65 38.92
N GLU H 38 -19.20 20.71 39.21
CA GLU H 38 -19.59 19.47 39.85
C GLU H 38 -18.65 19.03 40.96
N GLY H 39 -17.49 19.66 41.11
CA GLY H 39 -16.62 19.44 42.25
C GLY H 39 -15.77 18.20 42.20
N ILE H 40 -15.81 17.47 41.09
CA ILE H 40 -15.03 16.23 40.96
C ILE H 40 -13.57 16.59 40.68
N PRO H 41 -12.63 16.07 41.47
CA PRO H 41 -11.23 16.45 41.29
C PRO H 41 -10.77 16.14 39.89
N PRO H 42 -10.04 17.04 39.25
CA PRO H 42 -9.68 16.86 37.83
C PRO H 42 -8.80 15.63 37.56
N ASP H 43 -8.05 15.13 38.55
CA ASP H 43 -7.19 13.98 38.31
C ASP H 43 -7.95 12.67 38.28
N GLN H 44 -9.16 12.65 38.87
CA GLN H 44 -9.92 11.41 38.88
C GLN H 44 -10.78 11.22 37.66
N GLN H 45 -11.01 12.26 36.87
CA GLN H 45 -11.91 12.08 35.73
C GLN H 45 -11.10 11.82 34.46
N ARG H 46 -11.72 11.12 33.53
CA ARG H 46 -11.09 10.77 32.27
C ARG H 46 -12.13 11.07 31.20
N LEU H 47 -11.89 12.11 30.42
CA LEU H 47 -12.75 12.36 29.27
C LEU H 47 -12.39 11.43 28.12
N ILE H 48 -13.42 10.95 27.42
CA ILE H 48 -13.24 10.01 26.33
C ILE H 48 -13.96 10.51 25.09
N PHE H 49 -13.24 10.61 23.97
CA PHE H 49 -13.87 10.96 22.70
C PHE H 49 -13.32 10.06 21.61
N ALA H 50 -14.23 9.49 20.82
CA ALA H 50 -13.85 8.61 19.71
C ALA H 50 -12.96 7.47 20.20
N GLY H 51 -13.35 6.87 21.31
CA GLY H 51 -12.61 5.76 21.86
C GLY H 51 -11.26 6.11 22.44
N LYS H 52 -10.88 7.38 22.43
CA LYS H 52 -9.58 7.82 22.91
C LYS H 52 -9.73 8.67 24.15
N GLN H 53 -9.02 8.28 25.21
CA GLN H 53 -9.02 9.01 26.47
C GLN H 53 -8.16 10.28 26.30
N LEU H 54 -8.81 11.45 26.31
CA LEU H 54 -8.10 12.69 26.04
C LEU H 54 -7.11 13.03 27.16
N GLU H 55 -5.89 13.37 26.77
CA GLU H 55 -4.79 13.58 27.70
C GLU H 55 -4.62 15.06 28.01
N ASP H 56 -4.09 15.35 29.19
CA ASP H 56 -3.83 16.73 29.58
C ASP H 56 -2.72 17.32 28.72
N GLY H 57 -2.69 18.64 28.66
CA GLY H 57 -1.70 19.34 27.89
C GLY H 57 -2.02 19.50 26.42
N ARG H 58 -2.93 18.70 25.88
CA ARG H 58 -3.39 18.83 24.51
C ARG H 58 -4.69 19.63 24.46
N THR H 59 -4.98 20.15 23.28
CA THR H 59 -6.11 21.04 23.09
C THR H 59 -7.30 20.31 22.47
N LEU H 60 -8.44 21.00 22.44
CA LEU H 60 -9.61 20.49 21.74
C LEU H 60 -9.34 20.35 20.24
N SER H 61 -8.63 21.32 19.65
CA SER H 61 -8.29 21.29 18.24
C SER H 61 -7.27 20.20 17.94
N ASP H 62 -6.57 19.69 18.97
CA ASP H 62 -5.67 18.57 18.77
C ASP H 62 -6.43 17.27 18.55
N TYR H 63 -7.63 17.16 19.06
CA TYR H 63 -8.41 15.97 18.82
C TYR H 63 -9.52 16.21 17.82
N ASN H 64 -9.49 17.36 17.13
CA ASN H 64 -10.39 17.65 16.00
C ASN H 64 -11.87 17.56 16.41
N ILE H 65 -12.22 18.23 17.50
CA ILE H 65 -13.57 18.17 18.05
C ILE H 65 -14.29 19.47 17.71
N GLN H 66 -15.48 19.35 17.11
CA GLN H 66 -16.24 20.49 16.62
C GLN H 66 -17.18 21.05 17.68
N LYS H 67 -17.94 22.06 17.29
CA LYS H 67 -18.94 22.64 18.17
C LYS H 67 -20.11 21.68 18.33
N GLU H 68 -20.78 21.77 19.48
CA GLU H 68 -21.87 20.86 19.84
C GLU H 68 -21.42 19.39 19.87
N SER H 69 -20.19 19.13 20.28
CA SER H 69 -19.69 17.78 20.43
C SER H 69 -20.04 17.22 21.80
N THR H 70 -20.02 15.90 21.90
CA THR H 70 -20.27 15.19 23.15
C THR H 70 -19.00 14.46 23.58
N LEU H 71 -18.55 14.73 24.80
CA LEU H 71 -17.48 13.97 25.41
C LEU H 71 -18.08 13.07 26.48
N HIS H 72 -17.30 12.08 26.92
CA HIS H 72 -17.83 11.08 27.85
C HIS H 72 -16.91 11.02 29.06
N LEU H 73 -17.47 11.34 30.22
CA LEU H 73 -16.72 11.39 31.45
C LEU H 73 -16.75 10.04 32.15
N VAL H 74 -15.58 9.54 32.50
CA VAL H 74 -15.44 8.35 33.32
C VAL H 74 -14.46 8.71 34.43
N LEU H 75 -14.64 8.14 35.60
CA LEU H 75 -13.81 8.44 36.75
C LEU H 75 -12.91 7.26 37.11
N ARG H 76 -11.65 7.56 37.41
CA ARG H 76 -10.64 6.56 37.73
C ARG H 76 -9.93 6.95 39.00
N LEU H 77 -9.73 5.97 39.89
CA LEU H 77 -8.90 6.17 41.09
C LEU H 77 -7.42 6.42 40.74
#